data_5MP3
#
_entry.id   5MP3
#
_cell.length_a   61.850
_cell.length_b   89.890
_cell.length_c   83.600
_cell.angle_alpha   90.000
_cell.angle_beta   90.110
_cell.angle_gamma   90.000
#
_symmetry.space_group_name_H-M   'P 1 21 1'
#
loop_
_entity.id
_entity.type
_entity.pdbx_description
1 polymer 'Igh protein'
2 polymer 'ENSMUSG00000076577 protein'
3 polymer 'Microtubule-associated protein'
4 water water
#
loop_
_entity_poly.entity_id
_entity_poly.type
_entity_poly.pdbx_seq_one_letter_code
_entity_poly.pdbx_strand_id
1 'polypeptide(L)'
;(PCA)VQLQQSGPELVKPGTSVKMPCKASGYIFTDYVISWVKQRTGQGLEWIGEIFPRSGSTYYNEKFKGKATLTADKSS
NTAYMQLSSVTSEDSAVYFCARDYYGTSFAMDYWGQGTSVTVSSAKTTPPSVYPLAPGSAAQTNSMVTLGCLVKGYFPEP
VTVTWNSGSLSSGVHTFPAVLQSDLYTLSSSVTVPSSTWPSETVTCNVAHPASSTKVDKKIVPR
;
H,A
2 'polypeptide(L)'
;DIVMSQSPSSLAVSAGEKVTMSCKSSQSLLNSRTRKNYLAWYQQKPGQSPKLLIYWASTRESGVPDRFTGSGSGTDFTLT
ISSVQAEDLAVYYCKQSFYLRTFGGGTKLDIKRADAAPTVSIFPPSSEQLTSGGASVVCFLNNFYPKDINVRWKIDGSER
QNGVLNSWTDQDSKDSTYSMSSTLTLTKDEYERHNSYTCEATHKTSTSPIVKSFNRNE
;
L,B
3 'polypeptide(L)' GSKDNIKHVPGGGSVQIVYKPVDLSKVTSK C,D
#
# COMPACT_ATOMS: atom_id res chain seq x y z
N VAL A 2 13.17 -1.43 1.71
CA VAL A 2 14.29 -1.89 2.51
C VAL A 2 14.43 -3.39 2.41
N GLN A 3 15.67 -3.83 2.31
CA GLN A 3 15.95 -5.23 2.03
C GLN A 3 17.34 -5.59 2.52
N LEU A 4 17.41 -6.75 3.16
CA LEU A 4 18.65 -7.27 3.70
C LEU A 4 18.98 -8.60 3.07
N GLN A 5 20.10 -8.63 2.37
CA GLN A 5 20.49 -9.78 1.57
C GLN A 5 21.59 -10.61 2.16
N GLN A 6 21.32 -11.89 2.43
CA GLN A 6 22.29 -12.81 3.02
C GLN A 6 22.72 -13.95 2.10
N SER A 7 23.91 -14.47 2.33
CA SER A 7 24.50 -15.42 1.42
C SER A 7 23.78 -16.76 1.62
N GLY A 8 24.03 -17.68 0.68
CA GLY A 8 23.42 -19.00 0.68
C GLY A 8 23.98 -19.94 1.76
N PRO A 9 23.38 -21.14 1.91
CA PRO A 9 23.84 -22.17 2.83
C PRO A 9 25.30 -22.59 2.70
N GLU A 10 25.92 -22.86 3.82
CA GLU A 10 27.32 -23.19 3.87
C GLU A 10 27.55 -24.35 4.81
N LEU A 11 28.56 -25.13 4.42
CA LEU A 11 29.07 -26.24 5.16
C LEU A 11 30.49 -25.84 5.49
N VAL A 12 30.80 -25.86 6.79
CA VAL A 12 32.14 -25.59 7.23
C VAL A 12 32.66 -26.74 8.07
N LYS A 13 33.98 -26.94 8.01
CA LYS A 13 34.60 -27.98 8.81
C LYS A 13 34.81 -27.45 10.22
N PRO A 14 34.67 -28.32 11.23
CA PRO A 14 34.95 -27.94 12.60
C PRO A 14 36.36 -27.37 12.78
N GLY A 15 36.47 -26.33 13.59
CA GLY A 15 37.74 -25.69 13.90
C GLY A 15 38.08 -24.50 13.05
N THR A 16 37.34 -24.30 11.96
CA THR A 16 37.61 -23.22 11.01
C THR A 16 36.74 -22.01 11.27
N SER A 17 36.96 -20.95 10.49
CA SER A 17 36.22 -19.71 10.54
C SER A 17 35.28 -19.58 9.35
N VAL A 18 34.13 -18.95 9.55
CA VAL A 18 33.18 -18.68 8.53
C VAL A 18 32.75 -17.22 8.69
N LYS A 19 32.66 -16.53 7.54
CA LYS A 19 32.37 -15.15 7.50
C LYS A 19 31.29 -14.93 6.48
N MET A 20 30.16 -14.46 6.97
CA MET A 20 28.94 -14.32 6.16
C MET A 20 28.51 -12.85 6.02
N PRO A 21 28.04 -12.46 4.81
CA PRO A 21 27.65 -11.09 4.55
C PRO A 21 26.17 -10.81 4.67
N CYS A 22 25.83 -9.56 4.96
CA CYS A 22 24.43 -9.09 4.98
C CYS A 22 24.37 -7.73 4.26
N LYS A 23 23.95 -7.74 2.99
CA LYS A 23 23.94 -6.58 2.15
C LYS A 23 22.64 -5.80 2.31
N ALA A 24 22.76 -4.56 2.77
CA ALA A 24 21.62 -3.68 2.97
C ALA A 24 21.34 -2.81 1.75
N SER A 25 20.06 -2.50 1.53
CA SER A 25 19.64 -1.55 0.52
C SER A 25 18.28 -0.92 0.87
N GLY A 26 17.98 0.21 0.25
CA GLY A 26 16.66 0.89 0.46
C GLY A 26 16.63 1.92 1.57
N TYR A 27 17.72 2.05 2.33
CA TYR A 27 17.74 2.99 3.45
C TYR A 27 19.15 3.49 3.71
N ILE A 28 19.29 4.43 4.64
CA ILE A 28 20.63 4.95 5.02
C ILE A 28 21.30 3.93 5.96
N PHE A 29 22.25 3.16 5.43
CA PHE A 29 22.92 2.10 6.16
C PHE A 29 23.48 2.55 7.49
N THR A 30 24.01 3.76 7.50
CA THR A 30 24.65 4.28 8.69
C THR A 30 23.71 4.84 9.76
N ASP A 31 22.40 4.91 9.48
CA ASP A 31 21.43 5.40 10.48
C ASP A 31 20.71 4.32 11.30
N TYR A 32 21.04 3.05 11.07
CA TYR A 32 20.43 1.94 11.83
C TYR A 32 21.48 0.93 12.17
N VAL A 33 21.31 0.25 13.29
CA VAL A 33 22.23 -0.79 13.66
C VAL A 33 21.78 -2.07 12.97
N ILE A 34 22.73 -3.01 12.83
CA ILE A 34 22.46 -4.31 12.33
C ILE A 34 22.64 -5.24 13.53
N SER A 35 21.56 -5.97 13.84
CA SER A 35 21.59 -7.05 14.82
C SER A 35 21.71 -8.36 14.09
N TRP A 36 22.31 -9.33 14.77
CA TRP A 36 22.44 -10.69 14.28
C TRP A 36 21.86 -11.65 15.28
N VAL A 37 21.18 -12.68 14.76
CA VAL A 37 20.36 -13.58 15.57
C VAL A 37 20.53 -15.01 15.11
N LYS A 38 20.72 -15.93 16.06
CA LYS A 38 20.93 -17.34 15.76
C LYS A 38 19.72 -18.21 16.00
N GLN A 39 19.52 -19.21 15.14
CA GLN A 39 18.42 -20.12 15.31
C GLN A 39 18.78 -21.53 14.97
N ARG A 40 18.88 -22.35 16.00
CA ARG A 40 19.18 -23.73 15.79
C ARG A 40 17.96 -24.48 15.33
N THR A 41 18.17 -25.51 14.55
CA THR A 41 17.06 -26.22 13.97
C THR A 41 16.01 -26.60 15.01
N GLY A 42 14.77 -26.17 14.73
CA GLY A 42 13.64 -26.41 15.60
C GLY A 42 13.68 -25.66 16.91
N GLN A 43 14.55 -24.69 17.06
CA GLN A 43 14.74 -24.03 18.37
C GLN A 43 14.39 -22.57 18.24
N GLY A 44 14.52 -21.83 19.32
CA GLY A 44 14.27 -20.39 19.32
C GLY A 44 15.38 -19.49 18.77
N LEU A 45 15.04 -18.20 18.77
CA LEU A 45 15.89 -17.11 18.33
C LEU A 45 16.74 -16.67 19.47
N GLU A 46 18.02 -16.46 19.20
CA GLU A 46 19.01 -16.15 20.22
C GLU A 46 19.86 -14.99 19.73
N TRP A 47 19.84 -13.88 20.44
CA TRP A 47 20.56 -12.68 20.04
C TRP A 47 22.05 -12.86 20.21
N ILE A 48 22.79 -12.52 19.17
CA ILE A 48 24.24 -12.68 19.15
C ILE A 48 24.97 -11.42 19.52
N GLY A 49 24.63 -10.33 18.84
CA GLY A 49 25.28 -9.05 19.08
C GLY A 49 24.80 -8.06 18.05
N GLU A 50 25.33 -6.83 18.09
CA GLU A 50 24.91 -5.76 17.15
C GLU A 50 26.08 -4.92 16.71
N ILE A 51 25.95 -4.24 15.58
CA ILE A 51 26.99 -3.29 15.16
C ILE A 51 26.31 -2.02 14.71
N PHE A 52 26.92 -0.87 15.03
N PHE A 52 26.90 -0.87 15.03
CA PHE A 52 26.52 0.41 14.45
CA PHE A 52 26.45 0.40 14.46
C PHE A 52 27.43 0.86 13.31
C PHE A 52 27.39 0.77 13.35
N PRO A 53 26.98 0.63 12.08
CA PRO A 53 27.96 0.85 11.02
C PRO A 53 28.59 2.21 10.89
N ARG A 54 27.87 3.24 11.34
CA ARG A 54 28.37 4.60 11.34
C ARG A 54 29.74 4.66 11.98
N SER A 55 29.83 4.04 13.16
CA SER A 55 30.93 4.20 14.10
C SER A 55 31.74 2.94 14.31
N GLY A 56 31.23 1.83 13.82
CA GLY A 56 31.84 0.53 14.04
C GLY A 56 31.70 -0.06 15.43
N SER A 57 30.89 0.56 16.30
CA SER A 57 30.75 0.11 17.68
C SER A 57 29.98 -1.18 17.71
N THR A 58 30.36 -2.10 18.58
CA THR A 58 29.63 -3.38 18.66
C THR A 58 29.33 -3.62 20.09
N TYR A 59 28.15 -4.22 20.36
CA TYR A 59 27.93 -4.99 21.62
C TYR A 59 27.60 -6.46 21.30
N TYR A 60 27.93 -7.37 22.24
CA TYR A 60 27.65 -8.79 22.12
C TYR A 60 26.85 -9.38 23.28
N ASN A 61 26.13 -10.46 23.01
CA ASN A 61 25.60 -11.29 24.05
C ASN A 61 26.83 -11.98 24.64
N GLU A 62 26.92 -11.99 25.97
CA GLU A 62 28.09 -12.52 26.66
C GLU A 62 28.54 -13.88 26.17
N LYS A 63 27.56 -14.71 25.81
CA LYS A 63 27.85 -16.03 25.34
C LYS A 63 28.61 -16.06 24.01
N PHE A 64 28.54 -14.98 23.24
CA PHE A 64 29.12 -14.98 21.92
C PHE A 64 30.36 -14.10 21.82
N LYS A 65 30.80 -13.51 22.93
CA LYS A 65 32.03 -12.70 22.97
C LYS A 65 33.17 -13.64 22.58
N GLY A 66 33.93 -13.27 21.54
CA GLY A 66 35.07 -14.10 21.10
C GLY A 66 34.73 -15.38 20.39
N LYS A 67 33.47 -15.50 20.02
CA LYS A 67 32.98 -16.52 19.09
C LYS A 67 32.50 -15.84 17.81
N ALA A 68 31.65 -14.82 17.99
CA ALA A 68 31.18 -13.93 16.94
C ALA A 68 31.97 -12.62 16.87
N THR A 69 32.26 -12.14 15.66
CA THR A 69 32.89 -10.84 15.46
C THR A 69 32.09 -10.21 14.35
N LEU A 70 31.50 -9.05 14.65
CA LEU A 70 30.64 -8.37 13.74
C LEU A 70 31.44 -7.23 13.15
N THR A 71 31.29 -7.00 11.85
CA THR A 71 31.96 -5.86 11.17
C THR A 71 31.05 -5.30 10.11
N ALA A 72 31.39 -4.14 9.57
CA ALA A 72 30.55 -3.40 8.60
C ALA A 72 31.38 -2.60 7.61
N ASP A 73 31.07 -2.75 6.32
CA ASP A 73 31.77 -2.04 5.24
C ASP A 73 30.84 -0.97 4.70
N LYS A 74 31.11 0.28 5.06
CA LYS A 74 30.24 1.42 4.68
C LYS A 74 30.21 1.67 3.18
N SER A 75 31.33 1.43 2.50
CA SER A 75 31.41 1.59 1.05
C SER A 75 30.47 0.66 0.31
N SER A 76 30.15 -0.50 0.88
CA SER A 76 29.27 -1.46 0.21
C SER A 76 27.94 -1.67 0.91
N ASN A 77 27.71 -0.91 1.97
CA ASN A 77 26.52 -1.07 2.76
C ASN A 77 26.26 -2.52 3.15
N THR A 78 27.30 -3.20 3.62
CA THR A 78 27.28 -4.63 3.92
C THR A 78 27.84 -4.85 5.33
N ALA A 79 27.12 -5.64 6.13
CA ALA A 79 27.57 -6.12 7.43
C ALA A 79 28.05 -7.55 7.30
N TYR A 80 29.01 -7.93 8.14
CA TYR A 80 29.60 -9.27 8.16
C TYR A 80 29.58 -9.78 9.57
N MET A 81 29.44 -11.10 9.71
CA MET A 81 29.64 -11.80 10.97
C MET A 81 30.60 -12.91 10.75
N GLN A 82 31.51 -13.07 11.69
CA GLN A 82 32.49 -14.08 11.61
C GLN A 82 32.27 -14.95 12.81
N LEU A 83 32.11 -16.24 12.59
CA LEU A 83 32.16 -17.20 13.65
C LEU A 83 33.51 -17.87 13.60
N SER A 84 34.18 -17.98 14.75
CA SER A 84 35.52 -18.53 14.75
C SER A 84 35.52 -19.86 15.43
N SER A 85 36.43 -20.71 14.98
CA SER A 85 36.65 -22.02 15.53
C SER A 85 35.36 -22.78 15.77
N VAL A 86 34.64 -22.93 14.67
CA VAL A 86 33.29 -23.44 14.76
C VAL A 86 33.23 -24.87 15.28
N THR A 87 32.13 -25.18 15.98
CA THR A 87 31.84 -26.54 16.44
C THR A 87 30.41 -26.83 16.07
N SER A 88 29.96 -28.07 16.32
CA SER A 88 28.61 -28.43 15.91
C SER A 88 27.56 -27.58 16.67
N GLU A 89 27.96 -26.86 17.70
CA GLU A 89 27.04 -25.96 18.42
C GLU A 89 26.67 -24.73 17.61
N ASP A 90 27.51 -24.41 16.64
CA ASP A 90 27.30 -23.30 15.73
C ASP A 90 26.48 -23.64 14.50
N SER A 91 26.16 -24.93 14.25
CA SER A 91 25.25 -25.28 13.14
C SER A 91 23.96 -24.63 13.46
N ALA A 92 23.53 -23.69 12.60
CA ALA A 92 22.33 -22.91 12.84
C ALA A 92 22.05 -21.99 11.70
N VAL A 93 20.85 -21.38 11.68
CA VAL A 93 20.54 -20.32 10.74
C VAL A 93 20.81 -19.00 11.44
N TYR A 94 21.46 -18.09 10.75
CA TYR A 94 21.89 -16.84 11.34
C TYR A 94 21.23 -15.79 10.50
N PHE A 95 20.40 -14.96 11.13
CA PHE A 95 19.72 -13.86 10.47
C PHE A 95 20.48 -12.59 10.82
N CYS A 96 20.47 -11.63 9.89
CA CYS A 96 20.71 -10.24 10.25
C CYS A 96 19.41 -9.47 10.15
N ALA A 97 19.31 -8.40 10.91
CA ALA A 97 18.08 -7.59 10.97
C ALA A 97 18.43 -6.13 11.22
N ARG A 98 17.69 -5.24 10.59
CA ARG A 98 17.88 -3.82 10.81
C ARG A 98 17.22 -3.49 12.09
N ASP A 99 17.91 -2.72 12.90
CA ASP A 99 17.51 -2.48 14.24
C ASP A 99 17.43 -0.97 14.44
N TYR A 100 16.20 -0.51 14.55
CA TYR A 100 15.92 0.91 14.68
C TYR A 100 16.40 1.44 16.03
N TYR A 101 17.67 1.79 16.07
CA TYR A 101 18.31 2.37 17.24
C TYR A 101 17.84 3.83 17.46
N GLY A 102 17.68 4.19 18.73
CA GLY A 102 17.22 5.51 19.11
C GLY A 102 15.71 5.73 19.17
N THR A 103 14.92 5.02 18.36
CA THR A 103 13.47 5.23 18.41
C THR A 103 12.82 3.92 18.89
N SER A 104 12.35 3.10 17.95
CA SER A 104 11.57 1.90 18.26
C SER A 104 12.36 0.86 18.97
N PHE A 105 13.65 0.80 18.63
CA PHE A 105 14.59 -0.17 19.16
C PHE A 105 14.20 -1.59 18.82
N ALA A 106 13.51 -1.76 17.70
CA ALA A 106 13.00 -3.06 17.28
C ALA A 106 13.74 -3.48 16.02
N MET A 107 13.52 -4.71 15.56
CA MET A 107 14.17 -5.23 14.36
C MET A 107 13.10 -5.27 13.30
N ASP A 108 13.01 -4.28 12.45
CA ASP A 108 11.85 -4.16 11.51
C ASP A 108 12.00 -4.82 10.14
N TYR A 109 13.23 -5.12 9.72
CA TYR A 109 13.44 -5.89 8.48
C TYR A 109 14.46 -7.00 8.76
N TRP A 110 14.21 -8.21 8.25
CA TRP A 110 15.10 -9.36 8.45
C TRP A 110 15.60 -9.90 7.14
N GLY A 111 16.80 -10.47 7.18
CA GLY A 111 17.33 -11.26 6.06
C GLY A 111 16.69 -12.62 5.97
N GLN A 112 16.99 -13.39 4.96
CA GLN A 112 16.36 -14.72 4.88
C GLN A 112 17.09 -15.71 5.76
N GLY A 113 18.29 -15.37 6.17
CA GLY A 113 19.08 -16.28 6.98
C GLY A 113 20.15 -16.99 6.17
N THR A 114 21.30 -17.22 6.81
CA THR A 114 22.32 -18.07 6.23
C THR A 114 22.37 -19.35 7.06
N SER A 115 22.07 -20.48 6.43
CA SER A 115 22.06 -21.77 7.09
C SER A 115 23.49 -22.36 7.10
N VAL A 116 24.09 -22.43 8.28
CA VAL A 116 25.43 -22.95 8.46
C VAL A 116 25.36 -24.34 9.06
N THR A 117 26.01 -25.30 8.41
CA THR A 117 26.11 -26.65 8.95
C THR A 117 27.60 -26.89 9.20
N VAL A 118 27.99 -27.09 10.46
CA VAL A 118 29.34 -27.40 10.82
C VAL A 118 29.49 -28.91 10.93
N SER A 119 30.14 -29.53 9.96
CA SER A 119 30.34 -30.97 10.01
C SER A 119 31.52 -31.49 9.25
N SER A 120 31.96 -32.68 9.63
CA SER A 120 33.05 -33.34 8.90
C SER A 120 32.55 -34.12 7.71
N ALA A 121 31.24 -34.33 7.60
CA ALA A 121 30.69 -35.14 6.53
C ALA A 121 30.80 -34.43 5.21
N LYS A 122 30.83 -35.23 4.17
CA LYS A 122 31.26 -34.75 2.88
C LYS A 122 30.03 -34.24 2.21
N THR A 123 30.17 -33.15 1.45
CA THR A 123 29.07 -32.69 0.64
C THR A 123 28.78 -33.79 -0.36
N THR A 124 27.48 -34.13 -0.47
CA THR A 124 27.01 -35.18 -1.37
C THR A 124 25.75 -34.67 -2.04
N PRO A 125 25.68 -34.70 -3.36
CA PRO A 125 24.44 -34.15 -3.93
C PRO A 125 23.37 -35.25 -3.93
N PRO A 126 22.09 -34.86 -4.06
CA PRO A 126 21.04 -35.88 -4.00
C PRO A 126 20.81 -36.55 -5.31
N SER A 127 20.31 -37.78 -5.27
CA SER A 127 19.74 -38.41 -6.44
C SER A 127 18.24 -38.13 -6.37
N VAL A 128 17.70 -37.61 -7.47
CA VAL A 128 16.29 -37.33 -7.59
C VAL A 128 15.64 -38.47 -8.39
N TYR A 129 14.53 -38.99 -7.85
CA TYR A 129 13.79 -40.09 -8.44
C TYR A 129 12.32 -39.75 -8.62
N PRO A 130 11.76 -40.05 -9.81
CA PRO A 130 10.35 -39.77 -10.05
C PRO A 130 9.48 -40.76 -9.31
N LEU A 131 8.38 -40.27 -8.77
CA LEU A 131 7.36 -41.10 -8.14
C LEU A 131 6.08 -40.97 -8.96
N ALA A 132 5.84 -41.99 -9.77
CA ALA A 132 4.72 -42.08 -10.70
C ALA A 132 3.89 -43.31 -10.38
N PRO A 133 2.57 -43.17 -10.38
CA PRO A 133 1.67 -44.25 -10.01
C PRO A 133 1.89 -45.49 -10.82
N GLY A 134 1.65 -46.62 -10.17
CA GLY A 134 1.64 -47.92 -10.84
C GLY A 134 0.40 -48.12 -11.71
N SER A 135 0.40 -49.23 -12.45
CA SER A 135 -0.68 -49.57 -13.37
C SER A 135 -1.98 -49.85 -12.60
N ALA A 136 -2.70 -48.75 -12.38
CA ALA A 136 -4.04 -48.75 -11.77
C ALA A 136 -4.58 -47.34 -11.94
N ALA A 137 -5.90 -47.19 -11.83
CA ALA A 137 -6.56 -45.87 -11.78
C ALA A 137 -7.83 -45.95 -10.94
N GLN A 138 -8.00 -45.02 -9.99
CA GLN A 138 -9.11 -45.04 -9.02
C GLN A 138 -9.30 -43.67 -8.35
N THR A 139 -10.55 -43.26 -8.13
CA THR A 139 -10.88 -41.85 -7.81
C THR A 139 -10.20 -40.90 -8.79
N ASN A 140 -10.39 -41.22 -10.07
CA ASN A 140 -9.52 -40.78 -11.14
C ASN A 140 -9.46 -39.24 -11.33
N SER A 141 -10.42 -38.49 -10.79
CA SER A 141 -10.46 -37.03 -10.98
C SER A 141 -9.17 -36.34 -10.57
N MET A 142 -8.54 -36.77 -9.49
CA MET A 142 -7.24 -36.22 -9.05
C MET A 142 -6.20 -37.30 -9.06
N VAL A 143 -4.96 -36.87 -9.27
CA VAL A 143 -3.84 -37.78 -9.23
C VAL A 143 -2.68 -37.17 -8.45
N THR A 144 -2.04 -38.01 -7.64
CA THR A 144 -0.85 -37.60 -6.92
C THR A 144 0.40 -38.19 -7.54
N LEU A 145 1.37 -37.30 -7.74
CA LEU A 145 2.69 -37.68 -8.21
C LEU A 145 3.70 -37.15 -7.20
N GLY A 146 4.96 -37.59 -7.31
CA GLY A 146 6.00 -37.06 -6.41
C GLY A 146 7.45 -37.13 -6.88
N CYS A 147 8.33 -36.58 -6.06
CA CYS A 147 9.76 -36.73 -6.28
C CYS A 147 10.42 -37.17 -5.00
N LEU A 148 11.26 -38.20 -5.09
CA LEU A 148 12.10 -38.63 -3.99
C LEU A 148 13.48 -38.09 -4.14
N VAL A 149 13.98 -37.48 -3.08
CA VAL A 149 15.25 -36.75 -3.12
C VAL A 149 16.15 -37.33 -2.06
N LYS A 150 17.05 -38.20 -2.50
CA LYS A 150 17.72 -39.10 -1.59
C LYS A 150 19.21 -38.93 -1.52
N GLY A 151 19.74 -39.09 -0.31
CA GLY A 151 21.17 -39.23 -0.10
C GLY A 151 22.00 -37.99 -0.31
N TYR A 152 21.56 -36.88 0.29
CA TYR A 152 22.28 -35.62 0.14
C TYR A 152 22.80 -35.08 1.46
N PHE A 153 23.87 -34.31 1.36
CA PHE A 153 24.40 -33.63 2.52
C PHE A 153 25.05 -32.34 2.06
N PRO A 154 24.90 -31.27 2.82
CA PRO A 154 23.97 -31.14 3.93
C PRO A 154 22.68 -30.47 3.54
N GLU A 155 21.87 -30.12 4.53
CA GLU A 155 20.68 -29.37 4.31
C GLU A 155 21.11 -28.03 3.79
N PRO A 156 20.42 -27.55 2.77
CA PRO A 156 19.10 -27.98 2.40
C PRO A 156 18.97 -28.09 0.94
N VAL A 157 17.80 -28.57 0.54
CA VAL A 157 17.44 -28.58 -0.86
C VAL A 157 16.16 -27.79 -1.05
N THR A 158 15.97 -27.30 -2.26
CA THR A 158 14.77 -26.53 -2.63
C THR A 158 14.11 -27.32 -3.74
N VAL A 159 12.85 -27.65 -3.51
CA VAL A 159 12.04 -28.38 -4.47
C VAL A 159 10.98 -27.43 -4.98
N THR A 160 10.77 -27.44 -6.29
CA THR A 160 9.65 -26.73 -6.89
C THR A 160 9.08 -27.65 -7.93
N TRP A 161 7.89 -27.34 -8.42
CA TRP A 161 7.25 -28.09 -9.47
C TRP A 161 6.90 -27.13 -10.63
N ASN A 162 7.17 -27.61 -11.85
CA ASN A 162 7.16 -26.81 -13.07
C ASN A 162 7.68 -25.39 -12.82
N SER A 163 8.91 -25.34 -12.34
CA SER A 163 9.63 -24.11 -12.01
C SER A 163 8.83 -23.12 -11.15
N GLY A 164 8.04 -23.62 -10.19
CA GLY A 164 7.21 -22.75 -9.32
C GLY A 164 5.81 -22.47 -9.85
N SER A 165 5.52 -22.89 -11.09
CA SER A 165 4.22 -22.64 -11.72
C SER A 165 3.15 -23.60 -11.22
N LEU A 166 3.55 -24.79 -10.75
CA LEU A 166 2.66 -25.68 -9.95
C LEU A 166 2.88 -25.35 -8.49
N SER A 167 1.92 -24.63 -7.94
CA SER A 167 2.08 -24.04 -6.63
C SER A 167 1.16 -24.72 -5.60
N SER A 168 -0.13 -24.83 -5.94
CA SER A 168 -1.09 -25.50 -5.06
C SER A 168 -0.97 -27.00 -5.15
N GLY A 169 -1.38 -27.68 -4.09
CA GLY A 169 -1.41 -29.15 -4.04
C GLY A 169 -0.09 -29.79 -3.72
N VAL A 170 0.85 -29.00 -3.22
CA VAL A 170 2.23 -29.47 -3.06
C VAL A 170 2.52 -29.68 -1.60
N HIS A 171 3.11 -30.83 -1.28
CA HIS A 171 3.70 -31.03 0.05
C HIS A 171 5.13 -31.46 -0.12
N THR A 172 6.01 -30.67 0.46
CA THR A 172 7.39 -31.01 0.50
C THR A 172 7.66 -31.32 1.95
N PHE A 173 8.30 -32.46 2.19
CA PHE A 173 8.44 -32.96 3.56
C PHE A 173 9.78 -32.63 4.17
N PRO A 174 9.80 -32.38 5.49
CA PRO A 174 11.07 -32.28 6.19
C PRO A 174 11.98 -33.48 5.94
N ALA A 175 13.26 -33.17 5.73
CA ALA A 175 14.28 -34.17 5.55
C ALA A 175 14.51 -34.91 6.86
N VAL A 176 15.04 -36.11 6.77
CA VAL A 176 15.47 -36.84 7.95
C VAL A 176 16.88 -37.36 7.65
N LEU A 177 17.69 -37.43 8.70
CA LEU A 177 19.09 -37.68 8.58
C LEU A 177 19.27 -39.12 8.94
N GLN A 178 19.88 -39.88 8.03
CA GLN A 178 20.31 -41.20 8.38
C GLN A 178 21.74 -41.37 7.98
N SER A 179 22.56 -41.74 8.96
CA SER A 179 23.97 -42.06 8.73
C SER A 179 24.60 -41.07 7.73
N ASP A 180 24.65 -39.82 8.20
CA ASP A 180 25.29 -38.71 7.52
C ASP A 180 24.65 -38.28 6.19
N LEU A 181 23.44 -38.73 5.91
CA LEU A 181 22.77 -38.32 4.69
C LEU A 181 21.31 -38.03 4.97
N TYR A 182 20.80 -37.04 4.24
CA TYR A 182 19.42 -36.61 4.31
C TYR A 182 18.63 -37.19 3.17
N THR A 183 17.34 -37.37 3.41
CA THR A 183 16.40 -37.81 2.38
C THR A 183 15.07 -37.18 2.66
N LEU A 184 14.42 -36.70 1.60
CA LEU A 184 13.05 -36.21 1.65
C LEU A 184 12.35 -36.58 0.36
N SER A 185 11.06 -36.30 0.33
CA SER A 185 10.28 -36.42 -0.87
C SER A 185 9.26 -35.30 -0.88
N SER A 186 8.69 -35.06 -2.04
CA SER A 186 7.70 -34.02 -2.26
C SER A 186 6.56 -34.64 -3.02
N SER A 187 5.35 -34.19 -2.74
CA SER A 187 4.18 -34.69 -3.47
C SER A 187 3.45 -33.53 -4.09
N VAL A 188 2.87 -33.79 -5.27
CA VAL A 188 2.10 -32.82 -6.02
C VAL A 188 0.81 -33.50 -6.51
N THR A 189 -0.30 -32.81 -6.36
CA THR A 189 -1.60 -33.39 -6.64
C THR A 189 -2.28 -32.54 -7.70
N VAL A 190 -2.53 -33.16 -8.84
CA VAL A 190 -3.10 -32.45 -9.96
C VAL A 190 -4.37 -33.16 -10.44
N PRO A 191 -5.18 -32.42 -11.21
CA PRO A 191 -6.28 -33.00 -11.96
C PRO A 191 -5.79 -34.11 -12.86
N SER A 192 -6.44 -35.25 -12.75
CA SER A 192 -6.25 -36.36 -13.68
C SER A 192 -6.28 -35.93 -15.16
N SER A 193 -6.95 -34.82 -15.46
CA SER A 193 -6.94 -34.27 -16.83
C SER A 193 -5.62 -33.59 -17.28
N THR A 194 -4.81 -33.12 -16.34
CA THR A 194 -3.61 -32.33 -16.66
C THR A 194 -2.35 -33.21 -16.85
N TRP A 195 -2.38 -34.41 -16.28
CA TRP A 195 -1.27 -35.33 -16.40
C TRP A 195 -1.82 -36.68 -16.86
N PRO A 196 -1.17 -37.36 -17.81
CA PRO A 196 0.12 -36.97 -18.43
C PRO A 196 0.01 -36.07 -19.66
N SER A 197 -1.19 -35.58 -19.99
CA SER A 197 -1.37 -34.76 -21.19
C SER A 197 -0.47 -33.51 -21.21
N GLU A 198 -0.16 -32.96 -20.04
CA GLU A 198 0.85 -31.91 -19.91
C GLU A 198 1.98 -32.37 -18.97
N THR A 199 3.14 -31.75 -19.13
CA THR A 199 4.36 -32.15 -18.45
C THR A 199 4.31 -31.74 -16.98
N VAL A 200 4.78 -32.62 -16.10
CA VAL A 200 5.04 -32.29 -14.69
C VAL A 200 6.48 -32.67 -14.33
N THR A 201 7.21 -31.69 -13.83
CA THR A 201 8.64 -31.83 -13.61
C THR A 201 8.92 -31.22 -12.24
N CYS A 202 9.61 -31.98 -11.39
CA CYS A 202 10.09 -31.42 -10.14
C CYS A 202 11.49 -30.85 -10.34
N ASN A 203 11.76 -29.72 -9.72
CA ASN A 203 13.05 -29.07 -9.85
C ASN A 203 13.71 -29.05 -8.49
N VAL A 204 14.84 -29.73 -8.40
CA VAL A 204 15.58 -29.83 -7.15
C VAL A 204 16.90 -29.04 -7.16
N ALA A 205 17.08 -28.23 -6.15
CA ALA A 205 18.27 -27.45 -5.99
C ALA A 205 18.91 -27.86 -4.68
N HIS A 206 20.24 -28.06 -4.72
CA HIS A 206 20.98 -28.37 -3.54
C HIS A 206 22.13 -27.35 -3.54
N PRO A 207 21.87 -26.18 -2.93
CA PRO A 207 22.78 -25.04 -2.96
C PRO A 207 24.21 -25.37 -2.59
N ALA A 208 24.37 -26.13 -1.53
CA ALA A 208 25.70 -26.45 -1.01
C ALA A 208 26.60 -27.23 -1.96
N SER A 209 26.06 -27.97 -2.94
CA SER A 209 26.91 -28.64 -3.92
C SER A 209 26.78 -28.03 -5.29
N SER A 210 26.07 -26.91 -5.39
CA SER A 210 25.81 -26.20 -6.64
C SER A 210 25.04 -27.04 -7.63
N THR A 211 24.12 -27.84 -7.12
CA THR A 211 23.41 -28.81 -7.90
C THR A 211 21.99 -28.35 -8.15
N LYS A 212 21.55 -28.55 -9.37
CA LYS A 212 20.18 -28.32 -9.76
C LYS A 212 19.82 -29.47 -10.67
N VAL A 213 18.76 -30.21 -10.35
CA VAL A 213 18.27 -31.25 -11.25
C VAL A 213 16.80 -31.04 -11.56
N ASP A 214 16.40 -31.46 -12.75
CA ASP A 214 15.02 -31.45 -13.19
C ASP A 214 14.64 -32.87 -13.53
N LYS A 215 13.58 -33.38 -12.90
CA LYS A 215 13.11 -34.73 -13.20
C LYS A 215 11.67 -34.73 -13.68
N LYS A 216 11.46 -35.09 -14.94
CA LYS A 216 10.11 -35.22 -15.49
C LYS A 216 9.43 -36.46 -14.93
N ILE A 217 8.18 -36.30 -14.51
CA ILE A 217 7.34 -37.42 -14.10
C ILE A 217 6.66 -38.00 -15.35
N VAL A 218 7.02 -39.23 -15.74
CA VAL A 218 6.39 -39.90 -16.89
C VAL A 218 5.68 -41.16 -16.39
N PRO A 219 4.54 -41.51 -16.98
CA PRO A 219 3.75 -42.68 -16.58
C PRO A 219 4.48 -44.00 -16.67
N ARG A 220 3.94 -44.98 -15.93
CA ARG A 220 4.58 -46.24 -15.41
C ARG A 220 5.37 -45.97 -14.12
N ASP B 1 21.31 -8.21 29.84
CA ASP B 1 21.36 -9.30 30.88
C ASP B 1 20.06 -9.39 31.62
N ILE B 2 19.00 -9.28 30.83
CA ILE B 2 17.63 -9.38 31.23
C ILE B 2 17.15 -10.69 30.62
N VAL B 3 16.56 -11.51 31.47
CA VAL B 3 16.06 -12.80 31.09
C VAL B 3 14.59 -12.60 30.80
N MET B 4 14.12 -13.30 29.78
CA MET B 4 12.77 -13.22 29.31
C MET B 4 12.11 -14.60 29.40
N SER B 5 10.85 -14.66 29.83
CA SER B 5 10.06 -15.92 29.85
C SER B 5 8.79 -15.72 29.07
N GLN B 6 8.37 -16.72 28.30
CA GLN B 6 7.09 -16.69 27.61
C GLN B 6 6.25 -17.86 28.08
N SER B 7 4.96 -17.66 28.22
CA SER B 7 4.05 -18.75 28.55
C SER B 7 2.69 -18.47 27.94
N PRO B 8 1.91 -19.51 27.65
CA PRO B 8 2.35 -20.89 27.64
C PRO B 8 3.23 -21.16 26.44
N SER B 9 3.94 -22.28 26.44
CA SER B 9 4.91 -22.53 25.38
C SER B 9 4.17 -22.98 24.13
N SER B 10 2.97 -23.52 24.32
CA SER B 10 2.20 -24.02 23.21
C SER B 10 0.72 -23.71 23.35
N LEU B 11 0.03 -23.69 22.23
CA LEU B 11 -1.35 -23.25 22.22
C LEU B 11 -2.14 -23.70 21.01
N ALA B 12 -3.35 -24.21 21.24
CA ALA B 12 -4.32 -24.50 20.19
C ALA B 12 -5.68 -23.80 20.32
N VAL B 13 -6.13 -23.18 19.23
CA VAL B 13 -7.48 -22.62 19.12
C VAL B 13 -8.06 -22.80 17.72
N SER B 14 -9.39 -22.82 17.63
CA SER B 14 -10.07 -22.80 16.36
C SER B 14 -10.12 -21.40 15.77
N ALA B 15 -10.07 -21.34 14.44
CA ALA B 15 -10.28 -20.08 13.71
C ALA B 15 -11.46 -19.28 14.30
N GLY B 16 -11.21 -18.00 14.60
CA GLY B 16 -12.25 -17.13 15.10
C GLY B 16 -12.14 -16.89 16.58
N GLU B 17 -11.43 -17.77 17.28
CA GLU B 17 -11.32 -17.65 18.75
C GLU B 17 -10.32 -16.58 19.13
N LYS B 18 -10.37 -16.18 20.39
CA LYS B 18 -9.47 -15.17 20.91
C LYS B 18 -8.36 -15.90 21.57
N VAL B 19 -7.15 -15.36 21.54
CA VAL B 19 -6.04 -16.01 22.24
C VAL B 19 -5.18 -14.98 22.88
N THR B 20 -4.57 -15.32 24.02
CA THR B 20 -3.61 -14.42 24.66
C THR B 20 -2.43 -15.19 25.15
N MET B 21 -1.27 -14.56 25.10
CA MET B 21 -0.02 -15.19 25.48
C MET B 21 0.81 -14.17 26.24
N SER B 22 1.53 -14.66 27.23
CA SER B 22 2.23 -13.81 28.17
C SER B 22 3.80 -13.83 27.99
N CYS B 23 4.43 -12.74 28.42
CA CYS B 23 5.88 -12.55 28.32
C CYS B 23 6.34 -11.78 29.54
N LYS B 24 7.35 -12.32 30.26
CA LYS B 24 7.87 -11.72 31.49
C LYS B 24 9.39 -11.46 31.42
N SER B 25 9.80 -10.27 31.84
CA SER B 25 11.21 -9.90 31.88
C SER B 25 11.70 -9.90 33.31
N SER B 26 12.97 -10.28 33.54
CA SER B 26 13.58 -10.20 34.87
C SER B 26 13.80 -8.74 35.36
N GLN B 27 13.61 -7.73 34.52
CA GLN B 27 13.66 -6.34 34.96
C GLN B 27 12.65 -5.52 34.24
N SER B 28 12.34 -4.38 34.84
CA SER B 28 11.49 -3.43 34.19
C SER B 28 12.12 -3.04 32.88
N LEU B 29 11.27 -2.97 31.85
CA LEU B 29 11.70 -2.48 30.56
C LEU B 29 11.26 -1.05 30.32
N LEU B 30 10.87 -0.35 31.39
CA LEU B 30 10.30 0.99 31.24
C LEU B 30 11.41 2.00 31.51
N ASN B 31 11.53 2.99 30.64
CA ASN B 31 12.54 4.01 30.74
C ASN B 31 11.78 5.27 31.08
N SER B 32 12.13 5.92 32.17
CA SER B 32 11.34 7.07 32.63
C SER B 32 11.27 8.30 31.69
N ARG B 33 12.39 8.69 31.06
CA ARG B 33 12.42 9.87 30.18
C ARG B 33 11.58 9.72 28.89
N THR B 34 11.76 8.62 28.21
CA THR B 34 11.01 8.30 26.98
C THR B 34 9.56 7.91 27.28
N ARG B 35 9.39 7.27 28.43
CA ARG B 35 8.13 6.71 28.92
C ARG B 35 7.66 5.51 28.10
N LYS B 36 8.62 4.75 27.57
CA LYS B 36 8.31 3.59 26.72
C LYS B 36 8.87 2.32 27.27
N ASN B 37 8.11 1.23 27.17
CA ASN B 37 8.63 -0.07 27.48
C ASN B 37 9.36 -0.58 26.25
N TYR B 38 10.65 -0.93 26.34
CA TYR B 38 11.35 -1.43 25.13
C TYR B 38 11.16 -2.92 24.97
N LEU B 39 9.96 -3.27 24.52
CA LEU B 39 9.50 -4.66 24.40
C LEU B 39 8.82 -4.79 23.06
N ALA B 40 9.20 -5.80 22.30
CA ALA B 40 8.59 -6.02 20.99
C ALA B 40 8.15 -7.46 20.81
N TRP B 41 7.24 -7.66 19.85
CA TRP B 41 6.67 -8.97 19.53
C TRP B 41 6.99 -9.32 18.09
N TYR B 42 7.35 -10.56 17.83
CA TYR B 42 7.74 -11.01 16.50
C TYR B 42 6.96 -12.28 16.19
N GLN B 43 6.61 -12.45 14.92
CA GLN B 43 5.88 -13.63 14.46
C GLN B 43 6.80 -14.38 13.52
N GLN B 44 6.95 -15.69 13.75
CA GLN B 44 7.77 -16.53 12.86
C GLN B 44 7.03 -17.74 12.34
N LYS B 45 6.73 -17.69 11.04
CA LYS B 45 6.08 -18.80 10.37
C LYS B 45 7.10 -19.85 9.88
N PRO B 46 6.62 -21.06 9.58
CA PRO B 46 7.53 -22.09 9.07
C PRO B 46 8.21 -21.69 7.78
N GLY B 47 9.51 -21.91 7.72
CA GLY B 47 10.32 -21.56 6.55
C GLY B 47 10.60 -20.07 6.42
N GLN B 48 10.26 -19.29 7.44
CA GLN B 48 10.28 -17.85 7.27
C GLN B 48 11.12 -17.22 8.31
N SER B 49 11.64 -16.05 7.97
CA SER B 49 12.38 -15.30 8.93
C SER B 49 11.38 -14.49 9.73
N PRO B 50 11.71 -14.18 11.00
CA PRO B 50 10.77 -13.46 11.87
C PRO B 50 10.32 -12.12 11.33
N LYS B 51 9.08 -11.75 11.62
CA LYS B 51 8.49 -10.52 11.18
C LYS B 51 8.10 -9.73 12.45
N LEU B 52 8.43 -8.45 12.47
CA LEU B 52 8.11 -7.62 13.61
C LEU B 52 6.62 -7.30 13.60
N LEU B 53 5.95 -7.58 14.71
CA LEU B 53 4.56 -7.17 14.87
C LEU B 53 4.36 -5.86 15.61
N ILE B 54 4.98 -5.77 16.77
CA ILE B 54 4.63 -4.72 17.75
C ILE B 54 5.88 -4.23 18.45
N TYR B 55 6.02 -2.92 18.58
CA TYR B 55 7.13 -2.34 19.34
C TYR B 55 6.63 -1.34 20.41
N TRP B 56 7.52 -0.93 21.30
CA TRP B 56 7.17 -0.12 22.48
C TRP B 56 5.97 -0.71 23.23
N ALA B 57 5.98 -2.02 23.42
CA ALA B 57 4.89 -2.81 24.07
C ALA B 57 3.59 -2.91 23.29
N SER B 58 3.09 -1.79 22.78
CA SER B 58 1.71 -1.69 22.23
C SER B 58 1.53 -0.98 20.91
N THR B 59 2.61 -0.56 20.26
CA THR B 59 2.48 0.08 18.96
C THR B 59 2.57 -0.99 17.88
N ARG B 60 1.54 -1.12 17.05
CA ARG B 60 1.60 -1.95 15.83
C ARG B 60 2.58 -1.39 14.80
N GLU B 61 3.38 -2.26 14.21
CA GLU B 61 4.20 -1.91 13.07
C GLU B 61 3.29 -1.94 11.84
N SER B 62 3.52 -1.01 10.91
CA SER B 62 2.77 -0.96 9.65
C SER B 62 2.65 -2.30 8.96
N GLY B 63 1.53 -2.54 8.28
CA GLY B 63 1.24 -3.79 7.58
C GLY B 63 0.65 -4.90 8.44
N VAL B 64 0.62 -4.71 9.76
CA VAL B 64 0.22 -5.77 10.68
C VAL B 64 -1.27 -5.58 10.96
N PRO B 65 -2.07 -6.63 10.81
CA PRO B 65 -3.49 -6.55 11.12
C PRO B 65 -3.78 -6.08 12.52
N ASP B 66 -4.93 -5.41 12.72
CA ASP B 66 -5.23 -4.81 14.03
C ASP B 66 -5.68 -5.83 15.07
N ARG B 67 -5.98 -7.04 14.62
CA ARG B 67 -6.27 -8.12 15.53
C ARG B 67 -5.12 -8.51 16.44
N PHE B 68 -3.91 -8.11 16.08
CA PHE B 68 -2.75 -8.31 16.94
C PHE B 68 -2.58 -7.10 17.83
N THR B 69 -2.66 -7.30 19.13
CA THR B 69 -2.63 -6.20 20.10
C THR B 69 -1.64 -6.54 21.17
N GLY B 70 -0.68 -5.65 21.40
CA GLY B 70 0.31 -5.81 22.44
C GLY B 70 -0.07 -4.94 23.62
N SER B 71 0.23 -5.39 24.82
CA SER B 71 -0.17 -4.68 26.04
C SER B 71 0.73 -5.05 27.20
N GLY B 72 0.61 -4.29 28.28
CA GLY B 72 1.35 -4.54 29.51
C GLY B 72 2.44 -3.53 29.72
N SER B 73 3.16 -3.72 30.82
CA SER B 73 4.12 -2.75 31.29
C SER B 73 5.04 -3.32 32.36
N GLY B 74 6.23 -2.72 32.46
CA GLY B 74 7.25 -3.09 33.43
C GLY B 74 7.89 -4.41 33.06
N THR B 75 7.43 -5.48 33.71
CA THR B 75 8.02 -6.79 33.49
C THR B 75 7.02 -7.79 33.01
N ASP B 76 5.81 -7.38 32.66
CA ASP B 76 4.74 -8.33 32.34
C ASP B 76 3.94 -7.81 31.19
N PHE B 77 3.93 -8.58 30.12
CA PHE B 77 3.48 -8.13 28.80
C PHE B 77 2.64 -9.22 28.18
N THR B 78 1.80 -8.81 27.23
CA THR B 78 0.82 -9.68 26.63
C THR B 78 0.66 -9.37 25.16
N LEU B 79 0.59 -10.44 24.36
CA LEU B 79 0.11 -10.34 23.00
C LEU B 79 -1.20 -11.07 22.88
N THR B 80 -2.14 -10.42 22.22
CA THR B 80 -3.49 -10.90 22.10
C THR B 80 -3.77 -10.95 20.62
N ILE B 81 -4.38 -12.03 20.16
CA ILE B 81 -4.85 -12.07 18.83
C ILE B 81 -6.31 -12.31 18.96
N SER B 82 -7.12 -11.29 18.71
CA SER B 82 -8.55 -11.49 18.66
C SER B 82 -8.88 -12.08 17.32
N SER B 83 -9.83 -12.98 17.26
CA SER B 83 -10.24 -13.62 16.01
C SER B 83 -9.07 -14.20 15.19
N VAL B 84 -8.49 -15.26 15.71
CA VAL B 84 -7.36 -15.92 15.09
C VAL B 84 -7.73 -16.44 13.74
N GLN B 85 -6.80 -16.34 12.79
CA GLN B 85 -7.05 -16.88 11.48
C GLN B 85 -6.13 -18.02 11.23
N ALA B 86 -6.53 -18.88 10.31
CA ALA B 86 -5.66 -19.99 9.86
C ALA B 86 -4.23 -19.58 9.45
N GLU B 87 -4.06 -18.37 8.92
CA GLU B 87 -2.75 -17.83 8.52
C GLU B 87 -1.86 -17.51 9.73
N ASP B 88 -2.44 -17.39 10.91
CA ASP B 88 -1.69 -16.99 12.12
C ASP B 88 -0.84 -18.08 12.77
N LEU B 89 -1.02 -19.30 12.29
CA LEU B 89 -0.11 -20.37 12.61
C LEU B 89 1.35 -19.92 12.57
N ALA B 90 2.05 -20.06 13.69
CA ALA B 90 3.38 -19.45 13.87
C ALA B 90 3.88 -19.61 15.29
N VAL B 91 5.13 -19.26 15.50
CA VAL B 91 5.67 -19.14 16.85
C VAL B 91 5.82 -17.66 17.08
N TYR B 92 5.46 -17.23 18.28
CA TYR B 92 5.47 -15.82 18.62
C TYR B 92 6.49 -15.62 19.68
N TYR B 93 7.40 -14.69 19.43
CA TYR B 93 8.51 -14.38 20.33
C TYR B 93 8.36 -12.97 20.86
N CYS B 94 8.71 -12.74 22.12
CA CYS B 94 8.84 -11.38 22.65
C CYS B 94 10.30 -11.08 22.80
N LYS B 95 10.66 -9.82 22.88
CA LYS B 95 12.07 -9.48 22.92
C LYS B 95 12.21 -8.12 23.54
N GLN B 96 13.24 -7.99 24.36
CA GLN B 96 13.52 -6.81 25.13
C GLN B 96 14.67 -6.01 24.50
N SER B 97 14.58 -4.70 24.44
CA SER B 97 15.70 -3.87 23.95
C SER B 97 16.01 -2.72 24.92
N PHE B 98 15.68 -2.93 26.19
CA PHE B 98 15.96 -1.92 27.21
C PHE B 98 17.46 -1.79 27.43
N TYR B 99 18.16 -2.90 27.37
CA TYR B 99 19.58 -3.01 27.60
C TYR B 99 20.01 -4.28 26.86
N LEU B 100 20.78 -4.13 25.79
CA LEU B 100 21.11 -5.21 24.87
C LEU B 100 19.78 -5.72 24.31
N ARG B 101 19.69 -7.00 23.97
CA ARG B 101 18.46 -7.58 23.41
C ARG B 101 18.33 -9.00 23.89
N THR B 102 17.12 -9.47 24.18
CA THR B 102 16.91 -10.84 24.67
C THR B 102 15.59 -11.36 24.16
N PHE B 103 15.58 -12.47 23.44
CA PHE B 103 14.31 -13.07 22.96
C PHE B 103 13.75 -14.00 24.01
N GLY B 104 12.43 -13.96 24.19
CA GLY B 104 11.72 -15.00 24.94
C GLY B 104 11.80 -16.34 24.21
N GLY B 105 11.44 -17.41 24.91
CA GLY B 105 11.55 -18.77 24.38
C GLY B 105 10.55 -19.10 23.29
N GLY B 106 9.54 -18.23 23.10
CA GLY B 106 8.54 -18.40 22.05
C GLY B 106 7.30 -19.12 22.56
N THR B 107 6.17 -18.83 21.94
CA THR B 107 4.91 -19.52 22.18
C THR B 107 4.38 -20.01 20.82
N LYS B 108 4.29 -21.32 20.64
CA LYS B 108 3.80 -21.87 19.39
C LYS B 108 2.29 -21.87 19.36
N LEU B 109 1.75 -21.33 18.27
CA LEU B 109 0.32 -21.32 18.00
C LEU B 109 -0.07 -22.34 16.93
N ASP B 110 -0.81 -23.34 17.38
CA ASP B 110 -1.44 -24.32 16.53
C ASP B 110 -2.92 -24.08 16.37
N ILE B 111 -3.46 -24.39 15.19
CA ILE B 111 -4.90 -24.22 14.89
C ILE B 111 -5.68 -25.53 14.96
N LYS B 112 -6.81 -25.46 15.66
CA LYS B 112 -7.75 -26.56 15.73
C LYS B 112 -8.64 -26.41 14.54
N ARG B 113 -9.17 -27.53 14.09
CA ARG B 113 -10.16 -27.53 13.01
C ARG B 113 -10.95 -28.83 13.12
N ALA B 114 -11.74 -29.11 12.11
CA ALA B 114 -12.57 -30.26 12.10
C ALA B 114 -11.77 -31.42 11.60
N ASP B 115 -11.90 -32.56 12.26
CA ASP B 115 -11.28 -33.78 11.84
C ASP B 115 -11.45 -34.01 10.33
N ALA B 116 -10.43 -34.61 9.74
CA ALA B 116 -10.41 -34.92 8.30
C ALA B 116 -9.49 -36.08 8.09
N ALA B 117 -9.80 -36.90 7.09
CA ALA B 117 -9.10 -38.16 6.91
C ALA B 117 -8.04 -37.98 5.86
N PRO B 118 -6.95 -38.76 5.94
CA PRO B 118 -5.87 -38.57 4.95
C PRO B 118 -6.26 -39.06 3.59
N THR B 119 -5.71 -38.40 2.57
CA THR B 119 -5.70 -38.96 1.23
C THR B 119 -4.42 -39.75 1.15
N VAL B 120 -4.51 -41.05 0.97
CA VAL B 120 -3.34 -41.92 0.89
C VAL B 120 -3.01 -42.28 -0.54
N SER B 121 -1.73 -42.30 -0.89
CA SER B 121 -1.27 -42.66 -2.23
C SER B 121 -0.05 -43.48 -1.99
N ILE B 122 0.22 -44.48 -2.83
CA ILE B 122 1.39 -45.36 -2.66
C ILE B 122 2.13 -45.49 -3.97
N PHE B 123 3.45 -45.53 -3.90
CA PHE B 123 4.30 -45.44 -5.07
C PHE B 123 5.37 -46.51 -5.06
N PRO B 124 5.46 -47.31 -6.13
CA PRO B 124 6.53 -48.29 -6.14
C PRO B 124 7.85 -47.62 -6.49
N PRO B 125 8.96 -48.32 -6.29
CA PRO B 125 10.27 -47.78 -6.59
C PRO B 125 10.43 -47.36 -8.01
N SER B 126 11.23 -46.33 -8.26
CA SER B 126 11.48 -45.89 -9.61
C SER B 126 12.49 -46.79 -10.29
N SER B 127 12.42 -46.87 -11.62
CA SER B 127 13.38 -47.64 -12.38
C SER B 127 14.79 -47.17 -12.09
N GLU B 128 15.00 -45.87 -12.10
CA GLU B 128 16.32 -45.28 -11.81
C GLU B 128 16.97 -45.85 -10.53
N GLN B 129 16.21 -45.86 -9.45
CA GLN B 129 16.73 -46.27 -8.14
C GLN B 129 17.12 -47.75 -8.16
N LEU B 130 16.22 -48.58 -8.68
CA LEU B 130 16.50 -50.01 -8.87
C LEU B 130 17.71 -50.32 -9.77
N THR B 131 18.18 -49.28 -10.44
CA THR B 131 19.32 -49.32 -11.30
C THR B 131 20.61 -49.15 -10.51
N SER B 132 20.52 -48.48 -9.39
CA SER B 132 21.66 -48.31 -8.54
C SER B 132 21.65 -49.25 -7.35
N GLY B 133 20.59 -50.02 -7.14
CA GLY B 133 20.56 -51.07 -6.11
C GLY B 133 19.75 -50.75 -4.86
N GLY B 134 18.96 -49.68 -4.89
CA GLY B 134 18.05 -49.34 -3.82
C GLY B 134 16.61 -49.51 -4.27
N ALA B 135 15.71 -49.68 -3.31
CA ALA B 135 14.28 -49.72 -3.60
C ALA B 135 13.56 -49.05 -2.46
N SER B 136 13.03 -47.87 -2.72
CA SER B 136 12.29 -47.13 -1.74
C SER B 136 10.87 -47.13 -2.21
N VAL B 137 9.97 -47.54 -1.33
CA VAL B 137 8.55 -47.52 -1.60
C VAL B 137 8.03 -46.33 -0.81
N VAL B 138 7.18 -45.50 -1.42
CA VAL B 138 6.74 -44.26 -0.80
C VAL B 138 5.24 -44.14 -0.68
N CYS B 139 4.79 -43.60 0.44
CA CYS B 139 3.39 -43.56 0.72
C CYS B 139 3.14 -42.19 1.35
N PHE B 140 2.27 -41.40 0.73
CA PHE B 140 1.94 -40.08 1.20
C PHE B 140 0.56 -40.12 1.81
N LEU B 141 0.45 -39.52 2.98
CA LEU B 141 -0.79 -39.40 3.71
C LEU B 141 -1.08 -37.93 3.84
N ASN B 142 -1.93 -37.42 2.97
CA ASN B 142 -2.06 -36.00 2.80
C ASN B 142 -3.33 -35.41 3.37
N ASN B 143 -3.21 -34.17 3.83
CA ASN B 143 -4.31 -33.31 4.26
C ASN B 143 -5.25 -33.93 5.29
N PHE B 144 -4.69 -34.34 6.42
CA PHE B 144 -5.48 -34.93 7.51
C PHE B 144 -5.36 -34.08 8.77
N TYR B 145 -6.29 -34.30 9.70
CA TYR B 145 -6.32 -33.59 11.00
C TYR B 145 -7.13 -34.46 11.97
N PRO B 146 -6.69 -34.69 13.20
CA PRO B 146 -5.52 -34.10 13.83
C PRO B 146 -4.21 -34.78 13.41
N LYS B 147 -3.10 -34.38 14.05
CA LYS B 147 -1.75 -34.77 13.63
C LYS B 147 -1.42 -36.24 13.88
N ASP B 148 -2.10 -36.81 14.86
CA ASP B 148 -1.88 -38.16 15.34
C ASP B 148 -2.38 -39.17 14.31
N ILE B 149 -1.48 -40.02 13.86
CA ILE B 149 -1.76 -41.02 12.85
C ILE B 149 -0.73 -42.13 12.93
N ASN B 150 -1.20 -43.35 12.68
CA ASN B 150 -0.38 -44.53 12.69
C ASN B 150 -0.28 -45.09 11.28
N VAL B 151 0.93 -45.46 10.86
CA VAL B 151 1.17 -46.06 9.52
C VAL B 151 1.85 -47.37 9.69
N ARG B 152 1.41 -48.33 8.90
CA ARG B 152 1.83 -49.71 9.03
C ARG B 152 2.14 -50.21 7.65
N TRP B 153 3.32 -50.76 7.47
CA TRP B 153 3.69 -51.34 6.19
C TRP B 153 3.47 -52.84 6.26
N LYS B 154 2.95 -53.43 5.19
CA LYS B 154 2.88 -54.90 5.03
C LYS B 154 3.52 -55.37 3.72
N ILE B 155 4.44 -56.32 3.83
CA ILE B 155 5.01 -57.01 2.66
C ILE B 155 4.45 -58.43 2.59
N ASP B 156 3.71 -58.73 1.52
CA ASP B 156 3.06 -60.05 1.37
C ASP B 156 2.25 -60.43 2.60
N GLY B 157 1.48 -59.47 3.11
CA GLY B 157 0.67 -59.68 4.31
C GLY B 157 1.38 -59.51 5.64
N SER B 158 2.70 -59.63 5.68
CA SER B 158 3.45 -59.51 6.95
C SER B 158 3.87 -58.06 7.27
N GLU B 159 3.47 -57.60 8.45
CA GLU B 159 3.82 -56.26 8.95
C GLU B 159 5.32 -56.12 9.02
N ARG B 160 5.83 -55.01 8.47
CA ARG B 160 7.26 -54.75 8.36
C ARG B 160 7.53 -53.48 9.09
N GLN B 161 8.58 -53.49 9.92
CA GLN B 161 8.78 -52.43 10.90
C GLN B 161 10.15 -51.75 10.81
N ASN B 162 10.97 -52.17 9.86
CA ASN B 162 12.27 -51.53 9.66
C ASN B 162 12.60 -51.24 8.22
N GLY B 163 13.55 -50.32 8.05
CA GLY B 163 13.72 -49.59 6.79
C GLY B 163 12.69 -48.47 6.59
N VAL B 164 11.93 -48.16 7.64
CA VAL B 164 10.84 -47.20 7.55
C VAL B 164 11.26 -45.86 8.16
N LEU B 165 11.16 -44.82 7.34
CA LEU B 165 11.39 -43.45 7.77
C LEU B 165 10.12 -42.61 7.55
N ASN B 166 9.74 -41.82 8.53
CA ASN B 166 8.52 -41.00 8.49
C ASN B 166 8.85 -39.57 8.75
N SER B 167 8.11 -38.68 8.08
CA SER B 167 8.25 -37.24 8.25
C SER B 167 6.94 -36.47 8.08
N TRP B 168 6.69 -35.56 9.02
CA TRP B 168 5.46 -34.77 9.02
C TRP B 168 5.75 -33.36 8.57
N THR B 169 4.90 -32.82 7.67
CA THR B 169 4.91 -31.39 7.40
C THR B 169 4.37 -30.58 8.56
N ASP B 170 4.72 -29.31 8.55
CA ASP B 170 4.15 -28.35 9.46
C ASP B 170 2.69 -28.22 9.01
N GLN B 171 1.86 -27.79 9.94
CA GLN B 171 0.47 -27.60 9.64
C GLN B 171 0.31 -26.58 8.50
N ASP B 172 -0.75 -26.74 7.72
CA ASP B 172 -0.94 -25.92 6.52
C ASP B 172 -1.70 -24.67 6.87
N SER B 173 -1.23 -23.53 6.35
CA SER B 173 -1.78 -22.23 6.69
C SER B 173 -3.07 -21.87 5.96
N LYS B 174 -3.46 -22.68 5.00
CA LYS B 174 -4.70 -22.49 4.27
C LYS B 174 -5.80 -23.26 4.94
N ASP B 175 -5.62 -24.57 5.01
CA ASP B 175 -6.66 -25.50 5.47
C ASP B 175 -6.43 -26.10 6.88
N SER B 176 -5.32 -25.78 7.52
CA SER B 176 -5.05 -26.25 8.89
C SER B 176 -4.82 -27.77 9.01
N THR B 177 -4.51 -28.41 7.91
CA THR B 177 -4.25 -29.82 7.88
C THR B 177 -2.75 -30.18 7.93
N TYR B 178 -2.49 -31.45 8.18
CA TYR B 178 -1.17 -31.99 8.24
C TYR B 178 -1.07 -33.01 7.16
N SER B 179 0.16 -33.22 6.72
CA SER B 179 0.47 -34.29 5.81
C SER B 179 1.67 -35.02 6.32
N MET B 180 1.79 -36.27 5.91
CA MET B 180 2.87 -37.13 6.35
C MET B 180 3.36 -37.93 5.18
N SER B 181 4.64 -38.26 5.22
CA SER B 181 5.30 -39.07 4.23
C SER B 181 5.78 -40.25 5.00
N SER B 182 5.82 -41.42 4.34
CA SER B 182 6.39 -42.64 4.92
C SER B 182 7.11 -43.43 3.83
N THR B 183 8.32 -43.87 4.13
CA THR B 183 9.22 -44.36 3.11
C THR B 183 9.86 -45.63 3.56
N LEU B 184 9.62 -46.70 2.82
CA LEU B 184 10.14 -48.00 3.17
C LEU B 184 11.25 -48.31 2.22
N THR B 185 12.48 -48.33 2.71
CA THR B 185 13.65 -48.55 1.88
C THR B 185 14.24 -49.93 2.14
N LEU B 186 14.34 -50.74 1.07
CA LEU B 186 14.97 -52.07 1.05
C LEU B 186 16.06 -52.05 0.01
N THR B 187 16.83 -53.12 -0.04
CA THR B 187 17.74 -53.35 -1.17
C THR B 187 16.92 -53.81 -2.37
N LYS B 188 17.48 -53.71 -3.57
CA LYS B 188 16.79 -54.22 -4.74
C LYS B 188 16.46 -55.69 -4.57
N ASP B 189 17.46 -56.45 -4.17
CA ASP B 189 17.34 -57.89 -4.04
C ASP B 189 16.22 -58.25 -3.08
N GLU B 190 16.22 -57.60 -1.93
CA GLU B 190 15.21 -57.83 -0.90
C GLU B 190 13.82 -57.47 -1.42
N TYR B 191 13.73 -56.37 -2.17
CA TYR B 191 12.47 -55.89 -2.79
C TYR B 191 11.94 -56.88 -3.76
N GLU B 192 12.83 -57.51 -4.52
CA GLU B 192 12.40 -58.42 -5.59
C GLU B 192 11.99 -59.82 -5.13
N ARG B 193 12.09 -60.12 -3.84
CA ARG B 193 11.72 -61.44 -3.32
C ARG B 193 10.29 -61.48 -2.80
N HIS B 194 9.56 -60.35 -2.88
CA HIS B 194 8.16 -60.29 -2.42
C HIS B 194 7.35 -59.56 -3.48
N ASN B 195 6.04 -59.75 -3.50
CA ASN B 195 5.21 -59.20 -4.57
C ASN B 195 4.33 -58.03 -4.12
N SER B 196 3.55 -58.23 -3.05
CA SER B 196 2.58 -57.20 -2.62
C SER B 196 3.17 -56.29 -1.54
N TYR B 197 3.00 -54.98 -1.78
CA TYR B 197 3.44 -53.93 -0.89
C TYR B 197 2.26 -53.06 -0.55
N THR B 198 2.11 -52.79 0.74
CA THR B 198 0.90 -52.17 1.29
C THR B 198 1.27 -51.18 2.38
N CYS B 199 0.67 -49.99 2.36
CA CYS B 199 0.74 -49.09 3.51
C CYS B 199 -0.68 -48.83 4.01
N GLU B 200 -0.83 -48.87 5.33
CA GLU B 200 -2.11 -48.76 5.98
C GLU B 200 -2.07 -47.62 6.99
N ALA B 201 -3.07 -46.76 6.93
CA ALA B 201 -3.14 -45.58 7.77
C ALA B 201 -4.33 -45.76 8.68
N THR B 202 -4.11 -45.71 9.99
CA THR B 202 -5.20 -45.74 10.95
C THR B 202 -5.27 -44.37 11.58
N HIS B 203 -6.45 -43.74 11.52
CA HIS B 203 -6.63 -42.37 11.97
C HIS B 203 -7.96 -42.23 12.75
N LYS B 204 -8.02 -41.28 13.70
CA LYS B 204 -9.22 -40.97 14.52
C LYS B 204 -10.57 -40.94 13.76
N THR B 205 -10.51 -40.50 12.50
CA THR B 205 -11.68 -40.40 11.64
C THR B 205 -12.37 -41.71 11.31
N SER B 206 -11.68 -42.84 11.36
CA SER B 206 -12.37 -44.13 11.15
C SER B 206 -11.63 -45.26 11.84
N THR B 207 -12.38 -46.14 12.47
CA THR B 207 -11.82 -47.33 13.09
C THR B 207 -11.32 -48.35 12.07
N SER B 208 -11.47 -48.04 10.81
CA SER B 208 -11.09 -48.93 9.75
C SER B 208 -9.93 -48.30 9.00
N PRO B 209 -8.82 -49.03 8.85
CA PRO B 209 -7.67 -48.36 8.28
C PRO B 209 -7.85 -48.08 6.80
N ILE B 210 -7.13 -47.09 6.29
CA ILE B 210 -7.14 -46.81 4.87
C ILE B 210 -5.98 -47.60 4.31
N VAL B 211 -6.28 -48.49 3.36
CA VAL B 211 -5.29 -49.34 2.72
C VAL B 211 -5.00 -48.94 1.28
N LYS B 212 -3.72 -48.82 0.92
CA LYS B 212 -3.29 -48.80 -0.46
C LYS B 212 -2.18 -49.80 -0.74
N SER B 213 -2.25 -50.41 -1.91
CA SER B 213 -1.37 -51.51 -2.29
C SER B 213 -1.01 -51.44 -3.75
N PHE B 214 0.09 -52.13 -4.05
CA PHE B 214 0.43 -52.46 -5.42
C PHE B 214 1.19 -53.77 -5.38
N ASN B 215 1.33 -54.37 -6.55
CA ASN B 215 2.15 -55.57 -6.74
C ASN B 215 3.25 -55.28 -7.74
N ARG B 216 4.44 -55.80 -7.44
CA ARG B 216 5.60 -55.66 -8.34
C ARG B 216 5.23 -56.07 -9.79
N ASN B 217 4.50 -57.18 -9.93
CA ASN B 217 3.98 -57.64 -11.22
C ASN B 217 2.86 -56.78 -11.86
N GLU B 218 2.13 -56.01 -11.05
CA GLU B 218 0.99 -55.18 -11.51
C GLU B 218 1.38 -54.04 -12.47
N VAL C 2 -20.16 1.88 -7.83
CA VAL C 2 -19.24 2.16 -6.73
C VAL C 2 -19.20 3.66 -6.49
N GLN C 3 -19.17 4.02 -5.22
CA GLN C 3 -19.27 5.40 -4.81
C GLN C 3 -18.64 5.58 -3.45
N LEU C 4 -17.89 6.66 -3.31
CA LEU C 4 -17.26 7.03 -2.06
C LEU C 4 -17.74 8.39 -1.62
N GLN C 5 -18.39 8.43 -0.47
CA GLN C 5 -19.00 9.64 0.04
C GLN C 5 -18.23 10.28 1.17
N GLN C 6 -17.81 11.53 0.99
CA GLN C 6 -17.06 12.29 2.00
C GLN C 6 -17.83 13.49 2.54
N SER C 7 -17.50 13.82 3.78
CA SER C 7 -18.28 14.78 4.51
C SER C 7 -17.98 16.16 3.95
N GLY C 8 -18.84 17.12 4.32
CA GLY C 8 -18.76 18.49 3.81
C GLY C 8 -17.59 19.28 4.36
N PRO C 9 -17.31 20.47 3.78
CA PRO C 9 -16.21 21.37 4.25
C PRO C 9 -16.18 21.58 5.75
N GLU C 10 -15.00 21.72 6.32
CA GLU C 10 -14.86 21.94 7.72
C GLU C 10 -13.87 23.02 7.99
N LEU C 11 -14.17 23.76 9.05
CA LEU C 11 -13.36 24.80 9.60
C LEU C 11 -12.99 24.30 10.98
N VAL C 12 -11.71 24.18 11.25
CA VAL C 12 -11.22 23.80 12.55
C VAL C 12 -10.22 24.81 13.06
N LYS C 13 -10.13 24.94 14.38
CA LYS C 13 -9.18 25.81 15.00
C LYS C 13 -7.84 25.13 15.05
N PRO C 14 -6.76 25.91 15.00
CA PRO C 14 -5.42 25.33 15.20
C PRO C 14 -5.29 24.56 16.52
N GLY C 15 -4.55 23.47 16.46
CA GLY C 15 -4.23 22.66 17.66
C GLY C 15 -5.20 21.54 17.95
N THR C 16 -6.32 21.53 17.24
CA THR C 16 -7.38 20.56 17.46
C THR C 16 -7.29 19.41 16.49
N SER C 17 -8.20 18.45 16.64
CA SER C 17 -8.31 17.27 15.82
C SER C 17 -9.48 17.40 14.87
N VAL C 18 -9.29 16.88 13.66
CA VAL C 18 -10.36 16.74 12.72
C VAL C 18 -10.38 15.27 12.27
N LYS C 19 -11.59 14.73 12.21
CA LYS C 19 -11.80 13.34 11.94
C LYS C 19 -12.93 13.30 10.92
N MET C 20 -12.57 12.84 9.73
CA MET C 20 -13.46 12.90 8.56
C MET C 20 -13.77 11.50 8.04
N PRO C 21 -15.04 11.26 7.61
CA PRO C 21 -15.46 9.95 7.12
C PRO C 21 -15.42 9.81 5.64
N CYS C 22 -15.30 8.57 5.17
CA CYS C 22 -15.43 8.23 3.76
C CYS C 22 -16.29 6.97 3.65
N LYS C 23 -17.57 7.16 3.27
CA LYS C 23 -18.54 6.09 3.22
C LYS C 23 -18.47 5.42 1.85
N ALA C 24 -18.17 4.13 1.84
CA ALA C 24 -18.17 3.32 0.64
C ALA C 24 -19.51 2.65 0.38
N SER C 25 -19.84 2.47 -0.90
CA SER C 25 -20.98 1.64 -1.32
C SER C 25 -20.76 1.06 -2.72
N GLY C 26 -21.55 0.05 -3.06
CA GLY C 26 -21.55 -0.56 -4.39
C GLY C 26 -20.47 -1.62 -4.69
N TYR C 27 -19.71 -1.98 -3.65
CA TYR C 27 -18.70 -3.01 -3.75
C TYR C 27 -18.40 -3.61 -2.36
N ILE C 28 -17.60 -4.69 -2.35
CA ILE C 28 -17.19 -5.35 -1.10
C ILE C 28 -16.07 -4.52 -0.44
N PHE C 29 -16.43 -3.80 0.61
CA PHE C 29 -15.53 -2.89 1.31
C PHE C 29 -14.24 -3.56 1.75
N THR C 30 -14.36 -4.81 2.17
CA THR C 30 -13.20 -5.53 2.65
C THR C 30 -12.34 -6.19 1.57
N ASP C 31 -12.67 -6.03 0.28
CA ASP C 31 -11.81 -6.49 -0.80
C ASP C 31 -10.85 -5.45 -1.41
N TYR C 32 -10.94 -4.20 -0.99
CA TYR C 32 -10.12 -3.12 -1.51
C TYR C 32 -9.56 -2.27 -0.39
N VAL C 33 -8.38 -1.69 -0.61
CA VAL C 33 -7.85 -0.74 0.37
C VAL C 33 -8.45 0.61 0.09
N ILE C 34 -8.44 1.48 1.11
CA ILE C 34 -8.82 2.86 0.98
C ILE C 34 -7.54 3.65 1.18
N SER C 35 -7.18 4.42 0.14
CA SER C 35 -6.08 5.37 0.20
C SER C 35 -6.64 6.75 0.48
N TRP C 36 -5.81 7.58 1.12
CA TRP C 36 -6.12 8.97 1.38
C TRP C 36 -5.05 9.86 0.78
N VAL C 37 -5.47 11.00 0.25
CA VAL C 37 -4.62 11.90 -0.54
C VAL C 37 -4.91 13.35 -0.19
N LYS C 38 -3.88 14.15 0.00
CA LYS C 38 -4.01 15.56 0.34
C LYS C 38 -3.73 16.51 -0.83
N GLN C 39 -4.48 17.60 -0.90
CA GLN C 39 -4.25 18.58 -1.94
C GLN C 39 -4.44 19.98 -1.44
N ARG C 40 -3.33 20.70 -1.32
CA ARG C 40 -3.39 22.09 -0.95
C ARG C 40 -3.86 22.92 -2.11
N THR C 41 -4.48 24.04 -1.80
CA THR C 41 -5.01 24.90 -2.83
C THR C 41 -4.03 25.11 -3.99
N GLY C 42 -4.52 24.87 -5.20
CA GLY C 42 -3.74 25.06 -6.41
C GLY C 42 -2.42 24.31 -6.43
N GLN C 43 -2.27 23.31 -5.56
CA GLN C 43 -1.04 22.55 -5.48
C GLN C 43 -1.30 21.12 -5.91
N GLY C 44 -0.28 20.27 -5.83
CA GLY C 44 -0.42 18.86 -6.19
C GLY C 44 -1.02 17.91 -5.15
N LEU C 45 -1.20 16.67 -5.60
CA LEU C 45 -1.73 15.58 -4.83
C LEU C 45 -0.61 14.92 -4.10
N GLU C 46 -0.86 14.59 -2.83
CA GLU C 46 0.18 14.07 -1.93
C GLU C 46 -0.39 12.89 -1.17
N TRP C 47 0.25 11.73 -1.31
CA TRP C 47 -0.26 10.51 -0.68
C TRP C 47 -0.01 10.54 0.81
N ILE C 48 -1.07 10.24 1.58
CA ILE C 48 -1.02 10.29 3.03
C ILE C 48 -0.74 8.92 3.62
N GLY C 49 -1.54 7.96 3.22
CA GLY C 49 -1.43 6.60 3.72
C GLY C 49 -2.59 5.77 3.23
N GLU C 50 -2.67 4.51 3.66
CA GLU C 50 -3.74 3.59 3.24
C GLU C 50 -4.22 2.73 4.38
N ILE C 51 -5.41 2.15 4.25
CA ILE C 51 -5.87 1.16 5.25
C ILE C 51 -6.51 0.03 4.50
N PHE C 52 -6.26 -1.20 4.94
CA PHE C 52 -6.96 -2.35 4.38
C PHE C 52 -8.06 -2.71 5.38
N PRO C 53 -9.32 -2.44 5.03
CA PRO C 53 -10.31 -2.55 6.09
C PRO C 53 -10.58 -3.94 6.61
N ARG C 54 -10.34 -4.94 5.78
CA ARG C 54 -10.46 -6.35 6.15
C ARG C 54 -9.76 -6.60 7.44
N SER C 55 -8.51 -6.14 7.49
CA SER C 55 -7.51 -6.52 8.47
C SER C 55 -7.15 -5.37 9.41
N GLY C 56 -7.50 -4.14 9.05
CA GLY C 56 -7.09 -2.98 9.81
C GLY C 56 -5.63 -2.56 9.67
N SER C 57 -4.90 -3.15 8.75
CA SER C 57 -3.47 -2.83 8.57
C SER C 57 -3.41 -1.50 7.85
N THR C 58 -2.43 -0.68 8.21
CA THR C 58 -2.27 0.62 7.62
C THR C 58 -0.83 0.76 7.25
N TYR C 59 -0.59 1.49 6.16
CA TYR C 59 0.73 2.12 5.89
C TYR C 59 0.59 3.63 5.70
N TYR C 60 1.64 4.39 6.06
CA TYR C 60 1.69 5.84 5.93
C TYR C 60 2.87 6.37 5.11
N ASN C 61 2.67 7.54 4.50
CA ASN C 61 3.77 8.31 3.97
C ASN C 61 4.50 8.81 5.21
N GLU C 62 5.83 8.66 5.22
CA GLU C 62 6.66 9.05 6.36
C GLU C 62 6.33 10.42 6.92
N LYS C 63 5.97 11.35 6.06
CA LYS C 63 5.68 12.70 6.49
C LYS C 63 4.42 12.79 7.33
N PHE C 64 3.54 11.82 7.22
CA PHE C 64 2.26 11.90 7.91
C PHE C 64 2.16 10.94 9.07
N LYS C 65 3.24 10.22 9.40
CA LYS C 65 3.29 9.36 10.57
C LYS C 65 3.07 10.24 11.79
N GLY C 66 2.07 9.91 12.62
CA GLY C 66 1.75 10.70 13.84
C GLY C 66 1.12 12.05 13.59
N LYS C 67 0.68 12.28 12.36
CA LYS C 67 -0.18 13.39 11.99
C LYS C 67 -1.54 12.83 11.58
N ALA C 68 -1.52 11.84 10.68
CA ALA C 68 -2.69 11.13 10.20
C ALA C 68 -2.89 9.77 10.87
N THR C 69 -4.13 9.42 11.21
CA THR C 69 -4.46 8.09 11.71
C THR C 69 -5.66 7.62 10.92
N LEU C 70 -5.50 6.50 10.23
CA LEU C 70 -6.51 5.98 9.35
C LEU C 70 -7.20 4.85 10.06
N THR C 71 -8.53 4.79 9.97
CA THR C 71 -9.32 3.68 10.61
C THR C 71 -10.48 3.33 9.72
N ALA C 72 -11.14 2.21 10.01
CA ALA C 72 -12.23 1.65 9.20
C ALA C 72 -13.29 0.96 10.06
N ASP C 73 -14.58 1.24 9.81
CA ASP C 73 -15.69 0.58 10.50
C ASP C 73 -16.35 -0.34 9.49
N LYS C 74 -16.12 -1.64 9.65
CA LYS C 74 -16.63 -2.65 8.71
C LYS C 74 -18.16 -2.75 8.72
N SER C 75 -18.77 -2.56 9.88
CA SER C 75 -20.24 -2.56 10.01
C SER C 75 -20.91 -1.50 9.16
N SER C 76 -20.24 -0.38 8.94
CA SER C 76 -20.84 0.73 8.18
C SER C 76 -20.16 0.99 6.85
N ASN C 77 -19.19 0.15 6.50
CA ASN C 77 -18.43 0.32 5.28
C ASN C 77 -17.92 1.75 5.14
N THR C 78 -17.33 2.28 6.23
CA THR C 78 -16.87 3.64 6.31
C THR C 78 -15.42 3.67 6.81
N ALA C 79 -14.59 4.44 6.12
CA ALA C 79 -13.22 4.70 6.51
C ALA C 79 -13.13 6.11 7.09
N TYR C 80 -12.21 6.32 8.01
CA TYR C 80 -12.00 7.59 8.69
C TYR C 80 -10.53 7.95 8.62
N MET C 81 -10.27 9.25 8.59
CA MET C 81 -8.94 9.79 8.77
C MET C 81 -9.00 10.83 9.84
N GLN C 82 -8.01 10.83 10.70
CA GLN C 82 -7.94 11.74 11.76
C GLN C 82 -6.66 12.49 11.57
N LEU C 83 -6.75 13.81 11.52
CA LEU C 83 -5.58 14.65 11.54
C LEU C 83 -5.47 15.21 12.93
N SER C 84 -4.26 15.20 13.47
CA SER C 84 -4.04 15.62 14.81
C SER C 84 -3.36 16.95 14.87
N SER C 85 -3.75 17.71 15.87
CA SER C 85 -3.09 18.96 16.19
C SER C 85 -2.86 19.87 14.98
N VAL C 86 -3.93 20.13 14.29
CA VAL C 86 -3.84 20.75 13.00
C VAL C 86 -3.23 22.14 12.99
N THR C 87 -2.54 22.45 11.89
CA THR C 87 -2.00 23.80 11.64
C THR C 87 -2.44 24.28 10.29
N SER C 88 -2.11 25.51 9.95
CA SER C 88 -2.48 26.08 8.66
C SER C 88 -1.89 25.26 7.47
N GLU C 89 -0.82 24.53 7.75
CA GLU C 89 -0.24 23.59 6.76
C GLU C 89 -1.15 22.40 6.44
N ASP C 90 -2.11 22.12 7.32
CA ASP C 90 -3.12 21.10 7.08
C ASP C 90 -4.35 21.60 6.31
N SER C 91 -4.51 22.91 6.10
CA SER C 91 -5.63 23.43 5.31
C SER C 91 -5.47 22.88 3.93
N ALA C 92 -6.42 22.06 3.50
CA ALA C 92 -6.30 21.31 2.26
C ALA C 92 -7.51 20.50 1.97
N VAL C 93 -7.62 19.96 0.76
CA VAL C 93 -8.69 19.03 0.40
C VAL C 93 -8.13 17.63 0.54
N TYR C 94 -8.88 16.76 1.15
CA TYR C 94 -8.42 15.43 1.47
C TYR C 94 -9.38 14.49 0.82
N PHE C 95 -8.87 13.69 -0.11
CA PHE C 95 -9.69 12.73 -0.85
C PHE C 95 -9.45 11.38 -0.22
N CYS C 96 -10.48 10.53 -0.25
CA CYS C 96 -10.28 9.10 -0.15
C CYS C 96 -10.52 8.48 -1.52
N ALA C 97 -9.89 7.33 -1.75
CA ALA C 97 -10.01 6.61 -3.02
C ALA C 97 -9.93 5.13 -2.81
N ARG C 98 -10.69 4.38 -3.59
CA ARG C 98 -10.61 2.92 -3.54
C ARG C 98 -9.42 2.51 -4.31
N ASP C 99 -8.63 1.62 -3.73
CA ASP C 99 -7.38 1.21 -4.29
C ASP C 99 -7.45 -0.29 -4.48
N TYR C 100 -7.48 -0.69 -5.75
CA TYR C 100 -7.44 -2.10 -6.12
C TYR C 100 -6.12 -2.77 -5.74
N TYR C 101 -6.03 -3.17 -4.48
CA TYR C 101 -4.94 -3.99 -3.98
C TYR C 101 -4.92 -5.40 -4.60
N GLY C 102 -3.71 -5.91 -4.83
CA GLY C 102 -3.51 -7.21 -5.46
C GLY C 102 -3.53 -7.29 -6.99
N THR C 103 -4.28 -6.41 -7.65
CA THR C 103 -4.34 -6.45 -9.13
C THR C 103 -3.72 -5.15 -9.67
N SER C 104 -4.56 -4.18 -10.01
CA SER C 104 -4.14 -2.96 -10.69
C SER C 104 -3.33 -2.06 -9.80
N PHE C 105 -3.61 -2.14 -8.50
CA PHE C 105 -2.94 -1.33 -7.49
C PHE C 105 -3.12 0.16 -7.76
N ALA C 106 -4.26 0.50 -8.38
CA ALA C 106 -4.53 1.86 -8.78
C ALA C 106 -5.74 2.32 -7.97
N MET C 107 -6.05 3.62 -8.07
CA MET C 107 -7.13 4.21 -7.33
C MET C 107 -8.20 4.51 -8.35
N ASP C 108 -9.18 3.65 -8.48
CA ASP C 108 -10.18 3.75 -9.58
C ASP C 108 -11.47 4.51 -9.28
N TYR C 109 -11.77 4.76 -8.01
CA TYR C 109 -12.92 5.63 -7.65
C TYR C 109 -12.48 6.58 -6.56
N TRP C 110 -12.85 7.86 -6.70
CA TRP C 110 -12.48 8.89 -5.72
C TRP C 110 -13.67 9.52 -5.10
N GLY C 111 -13.50 9.98 -3.86
CA GLY C 111 -14.53 10.84 -3.21
C GLY C 111 -14.48 12.25 -3.75
N GLN C 112 -15.38 13.10 -3.28
CA GLN C 112 -15.42 14.47 -3.71
C GLN C 112 -14.43 15.33 -2.97
N GLY C 113 -13.82 14.79 -1.94
CA GLY C 113 -12.90 15.54 -1.13
C GLY C 113 -13.60 16.23 0.06
N THR C 114 -12.89 16.29 1.17
CA THR C 114 -13.32 17.12 2.27
C THR C 114 -12.34 18.31 2.35
N SER C 115 -12.87 19.50 2.16
CA SER C 115 -12.09 20.73 2.20
C SER C 115 -11.97 21.22 3.62
N VAL C 116 -10.76 21.14 4.17
CA VAL C 116 -10.48 21.57 5.54
C VAL C 116 -9.79 22.96 5.52
N THR C 117 -10.34 23.90 6.26
CA THR C 117 -9.70 25.17 6.53
C THR C 117 -9.34 25.24 8.01
N VAL C 118 -8.04 25.28 8.30
CA VAL C 118 -7.55 25.45 9.67
C VAL C 118 -7.31 26.95 9.90
N SER C 119 -8.22 27.58 10.61
CA SER C 119 -8.14 29.00 10.89
C SER C 119 -8.81 29.30 12.22
N SER C 120 -8.49 30.45 12.79
CA SER C 120 -9.14 30.89 14.01
C SER C 120 -10.29 31.86 13.75
N ALA C 121 -10.58 32.18 12.49
CA ALA C 121 -11.52 33.27 12.22
C ALA C 121 -12.94 32.83 12.41
N LYS C 122 -13.81 33.79 12.64
CA LYS C 122 -15.21 33.52 12.92
C LYS C 122 -15.98 33.26 11.63
N THR C 123 -16.88 32.28 11.66
CA THR C 123 -17.78 32.12 10.56
C THR C 123 -18.68 33.35 10.57
N THR C 124 -18.87 33.91 9.38
CA THR C 124 -19.61 35.12 9.08
C THR C 124 -20.41 34.86 7.81
N PRO C 125 -21.70 35.21 7.79
CA PRO C 125 -22.42 34.93 6.56
C PRO C 125 -22.19 36.04 5.54
N PRO C 126 -22.48 35.79 4.25
CA PRO C 126 -22.31 36.83 3.26
C PRO C 126 -23.49 37.80 3.21
N SER C 127 -23.24 38.99 2.66
CA SER C 127 -24.30 39.81 2.11
C SER C 127 -24.33 39.51 0.61
N VAL C 128 -25.51 39.28 0.07
CA VAL C 128 -25.70 39.11 -1.36
C VAL C 128 -26.30 40.39 -1.93
N TYR C 129 -25.72 40.87 -3.02
CA TYR C 129 -26.15 42.09 -3.69
C TYR C 129 -26.38 41.87 -5.18
N PRO C 130 -27.51 42.38 -5.70
CA PRO C 130 -27.79 42.26 -7.12
C PRO C 130 -26.90 43.18 -7.93
N LEU C 131 -26.45 42.69 -9.08
CA LEU C 131 -25.71 43.46 -10.04
C LEU C 131 -26.53 43.56 -11.32
N ALA C 132 -27.19 44.71 -11.48
CA ALA C 132 -28.09 45.04 -12.56
C ALA C 132 -27.53 46.22 -13.37
N PRO C 133 -27.66 46.15 -14.68
CA PRO C 133 -27.17 47.21 -15.54
C PRO C 133 -27.74 48.56 -15.20
N GLY C 134 -26.94 49.58 -15.44
CA GLY C 134 -27.36 50.97 -15.22
C GLY C 134 -28.31 51.52 -16.29
N SER C 135 -28.55 52.83 -16.25
CA SER C 135 -29.43 53.47 -17.25
C SER C 135 -28.76 53.58 -18.60
N ALA C 136 -28.36 52.46 -19.19
CA ALA C 136 -27.76 52.38 -20.49
C ALA C 136 -28.49 51.19 -21.08
N ALA C 137 -29.80 51.33 -21.25
CA ALA C 137 -30.64 50.22 -21.71
C ALA C 137 -30.60 50.06 -23.23
N GLN C 138 -29.42 49.70 -23.75
CA GLN C 138 -29.20 49.50 -25.19
C GLN C 138 -29.97 48.28 -25.69
N THR C 139 -29.98 47.21 -24.90
CA THR C 139 -30.71 45.97 -25.23
C THR C 139 -30.32 45.44 -26.58
N ASN C 140 -29.02 45.18 -26.67
CA ASN C 140 -28.46 44.30 -27.67
C ASN C 140 -29.00 42.86 -27.39
N SER C 141 -28.61 41.90 -28.21
CA SER C 141 -29.23 40.58 -28.15
C SER C 141 -29.07 39.94 -26.76
N MET C 142 -27.91 40.12 -26.13
CA MET C 142 -27.64 39.46 -24.87
C MET C 142 -27.37 40.45 -23.78
N VAL C 143 -27.75 40.11 -22.57
CA VAL C 143 -27.52 40.99 -21.44
C VAL C 143 -26.87 40.24 -20.29
N THR C 144 -25.91 40.91 -19.65
CA THR C 144 -25.23 40.33 -18.50
C THR C 144 -25.73 40.93 -17.20
N LEU C 145 -26.08 40.03 -16.28
CA LEU C 145 -26.49 40.37 -14.93
C LEU C 145 -25.59 39.62 -13.97
N GLY C 146 -25.57 40.01 -12.70
CA GLY C 146 -24.71 39.31 -11.71
C GLY C 146 -25.14 39.35 -10.26
N CYS C 147 -24.40 38.61 -9.43
CA CYS C 147 -24.58 38.70 -7.98
C CYS C 147 -23.24 38.89 -7.34
N LEU C 148 -23.13 39.86 -6.43
CA LEU C 148 -21.97 40.04 -5.60
C LEU C 148 -22.21 39.43 -4.23
N VAL C 149 -21.27 38.60 -3.79
CA VAL C 149 -21.41 37.84 -2.56
C VAL C 149 -20.24 38.17 -1.67
N LYS C 150 -20.49 39.05 -0.70
CA LYS C 150 -19.43 39.72 0.01
C LYS C 150 -19.36 39.46 1.48
N GLY C 151 -18.14 39.39 1.99
CA GLY C 151 -17.88 39.39 3.42
C GLY C 151 -18.27 38.12 4.16
N TYR C 152 -17.92 36.95 3.63
CA TYR C 152 -18.24 35.69 4.28
C TYR C 152 -17.00 34.91 4.71
N PHE C 153 -17.18 34.01 5.69
CA PHE C 153 -16.16 33.07 6.09
C PHE C 153 -16.82 31.84 6.76
N PRO C 154 -16.31 30.63 6.54
CA PRO C 154 -15.24 30.31 5.62
C PRO C 154 -15.75 29.96 4.22
N GLU C 155 -14.86 29.46 3.37
CA GLU C 155 -15.33 28.84 2.11
C GLU C 155 -16.17 27.60 2.48
N PRO C 156 -17.14 27.18 1.67
CA PRO C 156 -17.47 27.81 0.42
C PRO C 156 -18.89 28.26 0.43
N VAL C 157 -19.26 28.92 -0.66
CA VAL C 157 -20.63 29.26 -0.94
C VAL C 157 -21.03 28.58 -2.25
N THR C 158 -22.33 28.45 -2.46
CA THR C 158 -22.87 27.91 -3.70
C THR C 158 -23.74 28.98 -4.31
N VAL C 159 -23.44 29.33 -5.56
CA VAL C 159 -24.29 30.21 -6.33
C VAL C 159 -24.95 29.45 -7.47
N THR C 160 -26.25 29.62 -7.61
CA THR C 160 -26.97 29.11 -8.76
C THR C 160 -27.85 30.21 -9.25
N TRP C 161 -28.39 30.04 -10.45
CA TRP C 161 -29.30 31.01 -11.06
C TRP C 161 -30.60 30.30 -11.43
N ASN C 162 -31.71 30.96 -11.11
CA ASN C 162 -33.06 30.38 -11.14
C ASN C 162 -33.06 28.90 -10.74
N SER C 163 -32.60 28.70 -9.51
CA SER C 163 -32.51 27.39 -8.87
C SER C 163 -31.81 26.33 -9.72
N GLY C 164 -30.78 26.71 -10.48
CA GLY C 164 -30.02 25.77 -11.32
C GLY C 164 -30.54 25.67 -12.74
N SER C 165 -31.72 26.25 -13.01
CA SER C 165 -32.35 26.15 -14.34
C SER C 165 -31.70 27.08 -15.37
N LEU C 166 -31.05 28.14 -14.90
CA LEU C 166 -30.11 28.93 -15.74
C LEU C 166 -28.72 28.39 -15.56
N SER C 167 -28.30 27.60 -16.52
CA SER C 167 -27.13 26.75 -16.41
C SER C 167 -25.96 27.24 -17.29
N SER C 168 -26.25 27.52 -18.55
CA SER C 168 -25.26 28.06 -19.47
C SER C 168 -25.15 29.57 -19.30
N GLY C 169 -24.01 30.11 -19.74
CA GLY C 169 -23.77 31.56 -19.71
C GLY C 169 -23.35 32.10 -18.35
N VAL C 170 -22.94 31.20 -17.47
CA VAL C 170 -22.72 31.55 -16.07
C VAL C 170 -21.24 31.53 -15.81
N HIS C 171 -20.74 32.58 -15.16
CA HIS C 171 -19.37 32.55 -14.61
C HIS C 171 -19.42 32.89 -13.16
N THR C 172 -18.95 31.96 -12.34
CA THR C 172 -18.83 32.16 -10.94
C THR C 172 -17.33 32.23 -10.72
N PHE C 173 -16.90 33.31 -10.08
CA PHE C 173 -15.48 33.59 -9.98
C PHE C 173 -14.88 33.13 -8.66
N PRO C 174 -13.64 32.62 -8.70
CA PRO C 174 -12.96 32.29 -7.47
C PRO C 174 -12.96 33.41 -6.44
N ALA C 175 -13.25 33.04 -5.19
CA ALA C 175 -13.26 33.95 -4.08
C ALA C 175 -11.86 34.49 -3.82
N VAL C 176 -11.79 35.64 -3.18
CA VAL C 176 -10.52 36.18 -2.73
C VAL C 176 -10.69 36.60 -1.26
N LEU C 177 -9.63 36.38 -0.50
CA LEU C 177 -9.68 36.48 0.93
C LEU C 177 -9.06 37.82 1.25
N GLN C 178 -9.79 38.64 1.96
CA GLN C 178 -9.21 39.88 2.45
C GLN C 178 -9.56 40.03 3.90
N SER C 179 -8.51 40.15 4.73
CA SER C 179 -8.67 40.41 6.14
C SER C 179 -9.78 39.52 6.72
N ASP C 180 -9.51 38.22 6.62
CA ASP C 180 -10.35 37.17 7.17
C ASP C 180 -11.75 37.05 6.57
N LEU C 181 -11.98 37.63 5.41
CA LEU C 181 -13.27 37.51 4.77
C LEU C 181 -13.12 37.35 3.28
N TYR C 182 -14.02 36.53 2.72
CA TYR C 182 -14.03 36.20 1.32
C TYR C 182 -15.11 37.02 0.61
N THR C 183 -14.84 37.25 -0.68
CA THR C 183 -15.80 37.90 -1.55
C THR C 183 -15.66 37.29 -2.93
N LEU C 184 -16.81 37.02 -3.57
CA LEU C 184 -16.86 36.65 -4.97
C LEU C 184 -18.08 37.25 -5.60
N SER C 185 -18.15 37.11 -6.91
CA SER C 185 -19.31 37.49 -7.66
C SER C 185 -19.50 36.46 -8.76
N SER C 186 -20.71 36.41 -9.29
CA SER C 186 -21.11 35.51 -10.34
C SER C 186 -21.78 36.31 -11.41
N SER C 187 -21.63 35.93 -12.66
CA SER C 187 -22.29 36.63 -13.76
C SER C 187 -23.09 35.62 -14.55
N VAL C 188 -24.21 36.10 -15.07
CA VAL C 188 -25.11 35.29 -15.91
C VAL C 188 -25.49 36.13 -17.14
N THR C 189 -25.49 35.48 -18.30
CA THR C 189 -25.74 36.20 -19.55
C THR C 189 -26.96 35.58 -20.20
N VAL C 190 -27.99 36.39 -20.35
CA VAL C 190 -29.24 35.93 -20.91
C VAL C 190 -29.62 36.75 -22.14
N PRO C 191 -30.53 36.19 -22.97
CA PRO C 191 -31.16 36.95 -24.04
C PRO C 191 -31.85 38.17 -23.48
N SER C 192 -31.53 39.31 -24.06
CA SER C 192 -32.25 40.56 -23.80
C SER C 192 -33.78 40.41 -23.79
N SER C 193 -34.29 39.40 -24.53
CA SER C 193 -35.72 39.08 -24.52
C SER C 193 -36.28 38.44 -23.23
N THR C 194 -35.43 37.79 -22.44
CA THR C 194 -35.88 37.03 -21.27
C THR C 194 -35.90 37.88 -19.99
N TRP C 195 -35.14 38.97 -19.97
CA TRP C 195 -35.06 39.85 -18.81
C TRP C 195 -35.29 41.28 -19.26
N PRO C 196 -36.08 42.08 -18.54
CA PRO C 196 -36.74 41.73 -17.27
C PRO C 196 -38.14 41.09 -17.42
N SER C 197 -38.55 40.73 -18.62
CA SER C 197 -39.87 40.15 -18.85
C SER C 197 -40.11 38.89 -18.00
N GLU C 198 -39.06 38.11 -17.75
CA GLU C 198 -39.11 36.99 -16.79
C GLU C 198 -38.08 37.22 -15.68
N THR C 199 -38.30 36.57 -14.55
CA THR C 199 -37.50 36.77 -13.35
C THR C 199 -36.12 36.11 -13.52
N VAL C 200 -35.08 36.79 -13.04
CA VAL C 200 -33.75 36.20 -12.84
C VAL C 200 -33.33 36.43 -11.39
N THR C 201 -32.99 35.32 -10.73
CA THR C 201 -32.70 35.32 -9.33
C THR C 201 -31.46 34.48 -9.15
N CYS C 202 -30.49 35.03 -8.42
CA CYS C 202 -29.36 34.22 -7.99
C CYS C 202 -29.68 33.61 -6.64
N ASN C 203 -29.27 32.36 -6.45
CA ASN C 203 -29.49 31.66 -5.20
C ASN C 203 -28.14 31.42 -4.57
N VAL C 204 -27.93 31.99 -3.39
CA VAL C 204 -26.69 31.83 -2.67
C VAL C 204 -26.87 31.00 -1.40
N ALA C 205 -26.00 30.02 -1.24
CA ALA C 205 -25.96 29.24 -0.04
C ALA C 205 -24.59 29.37 0.59
N HIS C 206 -24.56 29.57 1.90
CA HIS C 206 -23.35 29.56 2.66
C HIS C 206 -23.64 28.62 3.82
N PRO C 207 -23.39 27.31 3.60
CA PRO C 207 -23.81 26.26 4.55
C PRO C 207 -23.32 26.52 5.97
N ALA C 208 -22.04 26.83 6.11
CA ALA C 208 -21.40 26.96 7.40
C ALA C 208 -22.06 28.00 8.33
N SER C 209 -22.84 28.94 7.79
CA SER C 209 -23.60 29.85 8.65
C SER C 209 -25.09 29.65 8.48
N SER C 210 -25.48 28.57 7.82
CA SER C 210 -26.90 28.27 7.54
C SER C 210 -27.60 29.44 6.86
N THR C 211 -26.89 30.02 5.90
CA THR C 211 -27.45 31.08 5.10
C THR C 211 -27.83 30.54 3.75
N LYS C 212 -29.06 30.83 3.34
CA LYS C 212 -29.56 30.50 2.01
C LYS C 212 -30.32 31.71 1.59
N VAL C 213 -29.84 32.46 0.60
CA VAL C 213 -30.50 33.67 0.15
C VAL C 213 -30.86 33.59 -1.33
N ASP C 214 -31.94 34.24 -1.68
CA ASP C 214 -32.38 34.41 -3.04
C ASP C 214 -32.48 35.88 -3.31
N LYS C 215 -31.77 36.35 -4.33
CA LYS C 215 -31.78 37.76 -4.68
C LYS C 215 -32.25 37.96 -6.11
N LYS C 216 -33.43 38.56 -6.25
CA LYS C 216 -33.96 38.87 -7.57
C LYS C 216 -33.20 40.04 -8.17
N ILE C 217 -32.82 39.89 -9.44
CA ILE C 217 -32.19 40.97 -10.18
C ILE C 217 -33.31 41.84 -10.80
N VAL C 218 -33.42 43.09 -10.33
CA VAL C 218 -34.47 44.00 -10.79
C VAL C 218 -33.80 45.20 -11.46
N PRO C 219 -34.37 45.71 -12.55
CA PRO C 219 -33.71 46.79 -13.30
C PRO C 219 -33.57 48.12 -12.55
N ARG C 220 -32.70 48.98 -13.02
CA ARG C 220 -32.48 50.25 -12.36
C ARG C 220 -32.73 51.32 -13.39
N ASP D 1 9.01 5.06 -0.87
CA ASP D 1 10.21 5.98 -0.80
C ASP D 1 10.92 6.04 -2.14
N ILE D 2 10.05 6.18 -3.14
CA ILE D 2 10.38 6.31 -4.52
C ILE D 2 9.92 7.72 -4.83
N VAL D 3 10.83 8.50 -5.42
CA VAL D 3 10.54 9.86 -5.79
C VAL D 3 10.13 9.83 -7.25
N MET D 4 9.16 10.66 -7.58
CA MET D 4 8.61 10.76 -8.91
C MET D 4 8.80 12.19 -9.44
N SER D 5 9.21 12.34 -10.70
CA SER D 5 9.30 13.65 -11.37
C SER D 5 8.47 13.66 -12.62
N GLN D 6 7.80 14.78 -12.90
CA GLN D 6 7.02 14.94 -14.13
C GLN D 6 7.54 16.13 -14.90
N SER D 7 7.61 16.00 -16.22
CA SER D 7 7.98 17.12 -17.06
C SER D 7 7.24 17.06 -18.40
N PRO D 8 7.04 18.20 -19.03
CA PRO D 8 7.22 19.52 -18.45
C PRO D 8 6.08 19.82 -17.47
N SER D 9 6.26 20.86 -16.64
CA SER D 9 5.28 21.10 -15.60
C SER D 9 4.07 21.78 -16.18
N SER D 10 4.23 22.37 -17.36
CA SER D 10 3.13 23.04 -18.01
C SER D 10 3.17 22.83 -19.50
N LEU D 11 2.03 23.00 -20.14
CA LEU D 11 1.92 22.72 -21.56
C LEU D 11 0.71 23.35 -22.23
N ALA D 12 0.91 23.95 -23.40
CA ALA D 12 -0.18 24.46 -24.24
C ALA D 12 -0.18 23.90 -25.66
N VAL D 13 -1.35 23.40 -26.09
CA VAL D 13 -1.56 22.99 -27.49
C VAL D 13 -2.95 23.33 -27.99
N SER D 14 -3.08 23.51 -29.30
CA SER D 14 -4.38 23.68 -29.92
C SER D 14 -5.11 22.36 -30.04
N ALA D 15 -6.44 22.41 -29.91
CA ALA D 15 -7.27 21.24 -30.16
C ALA D 15 -6.84 20.55 -31.48
N GLY D 16 -6.64 19.24 -31.42
CA GLY D 16 -6.27 18.45 -32.59
C GLY D 16 -4.79 18.09 -32.58
N GLU D 17 -3.99 18.84 -31.84
CA GLU D 17 -2.54 18.58 -31.81
C GLU D 17 -2.23 17.40 -30.90
N LYS D 18 -1.03 16.87 -31.06
CA LYS D 18 -0.59 15.73 -30.29
C LYS D 18 0.21 16.27 -29.14
N VAL D 19 0.14 15.59 -28.00
CA VAL D 19 0.94 16.03 -26.88
C VAL D 19 1.50 14.81 -26.18
N THR D 20 2.72 14.96 -25.64
CA THR D 20 3.28 13.93 -24.79
C THR D 20 3.88 14.55 -23.57
N MET D 21 3.78 13.82 -22.47
CA MET D 21 4.30 14.28 -21.19
C MET D 21 4.97 13.13 -20.50
N SER D 22 6.05 13.45 -19.80
CA SER D 22 6.89 12.42 -19.20
C SER D 22 6.82 12.35 -17.65
N CYS D 23 7.19 11.17 -17.15
CA CYS D 23 7.17 10.85 -15.72
C CYS D 23 8.35 9.93 -15.44
N LYS D 24 9.15 10.28 -14.44
CA LYS D 24 10.33 9.49 -14.04
C LYS D 24 10.28 9.10 -12.55
N SER D 25 10.58 7.83 -12.27
CA SER D 25 10.70 7.35 -10.91
C SER D 25 12.18 7.20 -10.53
N SER D 26 12.49 7.37 -9.24
CA SER D 26 13.84 7.07 -8.74
C SER D 26 14.18 5.55 -8.71
N GLN D 27 13.21 4.67 -8.90
CA GLN D 27 13.49 3.22 -8.98
C GLN D 27 12.63 2.58 -9.98
N SER D 28 13.06 1.41 -10.40
CA SER D 28 12.26 0.64 -11.32
C SER D 28 10.94 0.34 -10.65
N LEU D 29 9.87 0.46 -11.42
CA LEU D 29 8.55 0.09 -10.93
C LEU D 29 8.12 -1.25 -11.46
N LEU D 30 9.07 -2.05 -11.98
CA LEU D 30 8.74 -3.31 -12.62
C LEU D 30 8.90 -4.46 -11.62
N ASN D 31 7.93 -5.36 -11.57
CA ASN D 31 7.97 -6.52 -10.69
C ASN D 31 8.17 -7.70 -11.61
N SER D 32 9.23 -8.47 -11.37
CA SER D 32 9.56 -9.56 -12.31
C SER D 32 8.56 -10.73 -12.28
N ARG D 33 8.02 -11.06 -11.09
CA ARG D 33 7.03 -12.13 -10.93
C ARG D 33 5.70 -11.88 -11.65
N THR D 34 5.13 -10.69 -11.49
CA THR D 34 3.87 -10.30 -12.13
C THR D 34 4.01 -9.63 -13.50
N ARG D 35 5.23 -9.18 -13.79
CA ARG D 35 5.59 -8.55 -15.10
C ARG D 35 4.84 -7.24 -15.42
N LYS D 36 4.56 -6.44 -14.40
CA LYS D 36 3.82 -5.19 -14.56
C LYS D 36 4.56 -4.04 -13.94
N ASN D 37 4.54 -2.89 -14.61
CA ASN D 37 5.07 -1.68 -14.00
C ASN D 37 3.96 -1.08 -13.16
N TYR D 38 4.14 -0.88 -11.86
CA TYR D 38 3.05 -0.28 -11.04
C TYR D 38 3.13 1.24 -11.11
N LEU D 39 2.66 1.75 -12.25
CA LEU D 39 2.65 3.16 -12.57
C LEU D 39 1.31 3.48 -13.19
N ALA D 40 0.66 4.51 -12.66
CA ALA D 40 -0.66 4.90 -13.15
C ALA D 40 -0.71 6.39 -13.45
N TRP D 41 -1.69 6.77 -14.27
CA TRP D 41 -1.88 8.13 -14.72
C TRP D 41 -3.27 8.58 -14.32
N TYR D 42 -3.38 9.80 -13.83
CA TYR D 42 -4.65 10.35 -13.33
C TYR D 42 -4.86 11.71 -13.96
N GLN D 43 -6.10 12.03 -14.30
CA GLN D 43 -6.48 13.30 -14.88
C GLN D 43 -7.29 14.07 -13.85
N GLN D 44 -6.91 15.31 -13.57
CA GLN D 44 -7.67 16.16 -12.63
C GLN D 44 -8.09 17.48 -13.20
N LYS D 45 -9.40 17.62 -13.41
CA LYS D 45 -9.97 18.84 -13.94
C LYS D 45 -10.32 19.83 -12.84
N PRO D 46 -10.60 21.09 -13.22
CA PRO D 46 -10.88 22.09 -12.19
C PRO D 46 -12.14 21.77 -11.41
N GLY D 47 -12.06 21.88 -10.09
CA GLY D 47 -13.18 21.58 -9.18
C GLY D 47 -13.50 20.10 -9.08
N GLN D 48 -12.62 19.25 -9.58
CA GLN D 48 -12.94 17.84 -9.68
C GLN D 48 -11.91 17.05 -8.97
N SER D 49 -12.32 15.88 -8.53
CA SER D 49 -11.43 14.97 -7.94
C SER D 49 -10.74 14.21 -9.09
N PRO D 50 -9.55 13.67 -8.83
CA PRO D 50 -8.82 12.96 -9.89
C PRO D 50 -9.57 11.74 -10.44
N LYS D 51 -9.36 11.46 -11.71
CA LYS D 51 -9.96 10.34 -12.38
C LYS D 51 -8.79 9.46 -12.91
N LEU D 52 -8.90 8.16 -12.71
CA LEU D 52 -7.86 7.23 -13.12
C LEU D 52 -7.97 7.06 -14.65
N LEU D 53 -6.87 7.29 -15.35
CA LEU D 53 -6.81 6.98 -16.77
C LEU D 53 -6.22 5.64 -17.12
N ILE D 54 -5.05 5.38 -16.59
CA ILE D 54 -4.19 4.29 -17.07
C ILE D 54 -3.49 3.63 -15.89
N TYR D 55 -3.48 2.30 -15.87
CA TYR D 55 -2.77 1.57 -14.85
C TYR D 55 -1.85 0.51 -15.49
N TRP D 56 -0.96 -0.05 -14.67
CA TRP D 56 0.10 -0.95 -15.16
C TRP D 56 0.84 -0.35 -16.37
N ALA D 57 1.15 0.94 -16.27
CA ALA D 57 1.83 1.75 -17.33
C ALA D 57 0.98 2.03 -18.56
N SER D 58 0.34 1.01 -19.14
CA SER D 58 -0.28 1.08 -20.47
C SER D 58 -1.67 0.49 -20.61
N THR D 59 -2.31 0.05 -19.53
CA THR D 59 -3.68 -0.44 -19.62
C THR D 59 -4.65 0.73 -19.37
N ARG D 60 -5.50 1.02 -20.37
CA ARG D 60 -6.62 1.96 -20.21
C ARG D 60 -7.67 1.45 -19.20
N GLU D 61 -8.12 2.34 -18.34
CA GLU D 61 -9.27 2.05 -17.49
C GLU D 61 -10.53 2.23 -18.32
N SER D 62 -11.53 1.40 -18.08
CA SER D 62 -12.83 1.53 -18.75
C SER D 62 -13.37 2.97 -18.68
N GLY D 63 -14.10 3.38 -19.72
CA GLY D 63 -14.61 4.73 -19.88
C GLY D 63 -13.64 5.80 -20.37
N VAL D 64 -12.37 5.44 -20.54
CA VAL D 64 -11.34 6.43 -20.88
C VAL D 64 -11.18 6.40 -22.39
N PRO D 65 -11.20 7.55 -23.04
CA PRO D 65 -11.00 7.60 -24.48
C PRO D 65 -9.70 7.01 -24.94
N ASP D 66 -9.64 6.49 -26.16
CA ASP D 66 -8.44 5.73 -26.60
C ASP D 66 -7.30 6.65 -27.01
N ARG D 67 -7.60 7.93 -27.19
CA ARG D 67 -6.58 8.89 -27.48
C ARG D 67 -5.59 9.09 -26.34
N PHE D 68 -5.94 8.60 -25.13
CA PHE D 68 -5.01 8.58 -24.03
C PHE D 68 -4.27 7.27 -24.06
N THR D 69 -2.95 7.33 -24.19
CA THR D 69 -2.13 6.14 -24.29
C THR D 69 -0.98 6.29 -23.32
N GLY D 70 -0.79 5.29 -22.46
CA GLY D 70 0.32 5.26 -21.54
C GLY D 70 1.39 4.33 -22.07
N SER D 71 2.64 4.62 -21.76
CA SER D 71 3.75 3.83 -22.31
C SER D 71 4.99 3.98 -21.44
N GLY D 72 5.93 3.08 -21.66
CA GLY D 72 7.20 3.15 -20.96
C GLY D 72 7.36 2.02 -20.01
N SER D 73 8.52 2.01 -19.36
CA SER D 73 8.94 0.91 -18.50
C SER D 73 10.11 1.32 -17.62
N GLY D 74 10.21 0.61 -16.49
CA GLY D 74 11.26 0.80 -15.51
C GLY D 74 11.07 2.09 -14.75
N THR D 75 11.79 3.12 -15.15
CA THR D 75 11.77 4.39 -14.46
C THR D 75 11.35 5.51 -15.35
N ASP D 76 10.92 5.26 -16.58
CA ASP D 76 10.65 6.36 -17.53
C ASP D 76 9.43 6.07 -18.33
N PHE D 77 8.42 6.94 -18.15
CA PHE D 77 7.05 6.66 -18.55
C PHE D 77 6.47 7.88 -19.23
N THR D 78 5.47 7.63 -20.08
CA THR D 78 4.93 8.63 -20.95
C THR D 78 3.43 8.49 -21.07
N LEU D 79 2.72 9.62 -20.99
CA LEU D 79 1.33 9.71 -21.39
C LEU D 79 1.21 10.59 -22.59
N THR D 80 0.45 10.09 -23.54
CA THR D 80 0.37 10.70 -24.85
C THR D 80 -1.12 10.92 -25.05
N ILE D 81 -1.46 12.09 -25.56
CA ILE D 81 -2.81 12.34 -25.96
C ILE D 81 -2.67 12.66 -27.42
N SER D 82 -3.10 11.76 -28.28
CA SER D 82 -3.14 12.10 -29.70
C SER D 82 -4.42 12.88 -29.90
N SER D 83 -4.40 13.89 -30.75
CA SER D 83 -5.59 14.70 -30.99
C SER D 83 -6.31 15.20 -29.71
N VAL D 84 -5.68 16.15 -29.07
CA VAL D 84 -6.20 16.76 -27.86
C VAL D 84 -7.52 17.41 -28.10
N GLN D 85 -8.42 17.35 -27.14
CA GLN D 85 -9.69 18.04 -27.30
C GLN D 85 -9.79 19.12 -26.28
N ALA D 86 -10.67 20.07 -26.53
CA ALA D 86 -10.94 21.14 -25.53
C ALA D 86 -11.28 20.65 -24.11
N GLU D 87 -11.91 19.48 -24.00
CA GLU D 87 -12.32 18.91 -22.69
C GLU D 87 -11.15 18.39 -21.89
N ASP D 88 -10.01 18.19 -22.56
CA ASP D 88 -8.83 17.57 -21.92
C ASP D 88 -8.02 18.50 -21.02
N LEU D 89 -8.35 19.77 -21.07
CA LEU D 89 -7.90 20.70 -20.06
C LEU D 89 -7.93 20.12 -18.64
N ALA D 90 -6.77 20.08 -18.00
CA ALA D 90 -6.57 19.33 -16.74
C ALA D 90 -5.12 19.28 -16.33
N VAL D 91 -4.87 18.86 -15.12
CA VAL D 91 -3.52 18.53 -14.68
C VAL D 91 -3.43 17.03 -14.64
N TYR D 92 -2.32 16.50 -15.12
CA TYR D 92 -2.15 15.07 -15.26
C TYR D 92 -1.05 14.68 -14.35
N TYR D 93 -1.32 13.69 -13.53
CA TYR D 93 -0.41 13.20 -12.50
C TYR D 93 -0.05 11.78 -12.81
N CYS D 94 1.20 11.40 -12.57
CA CYS D 94 1.61 9.98 -12.57
C CYS D 94 1.80 9.57 -11.14
N LYS D 95 1.73 8.28 -10.91
CA LYS D 95 1.84 7.79 -9.52
C LYS D 95 2.33 6.39 -9.55
N GLN D 96 3.18 6.08 -8.60
CA GLN D 96 3.81 4.79 -8.43
C GLN D 96 3.14 4.00 -7.32
N SER D 97 2.86 2.72 -7.54
CA SER D 97 2.33 1.81 -6.49
C SER D 97 3.23 0.60 -6.25
N PHE D 98 4.48 0.67 -6.67
CA PHE D 98 5.39 -0.49 -6.52
C PHE D 98 5.70 -0.76 -5.05
N TYR D 99 5.74 0.28 -4.25
CA TYR D 99 6.07 0.29 -2.84
C TYR D 99 5.51 1.63 -2.26
N LEU D 100 4.49 1.52 -1.43
CA LEU D 100 3.71 2.65 -0.98
C LEU D 100 3.13 3.31 -2.21
N ARG D 101 2.94 4.62 -2.19
CA ARG D 101 2.42 5.36 -3.32
C ARG D 101 3.09 6.71 -3.36
N THR D 102 3.34 7.23 -4.54
CA THR D 102 3.98 8.56 -4.68
C THR D 102 3.45 9.20 -5.93
N PHE D 103 2.88 10.39 -5.80
CA PHE D 103 2.40 11.13 -6.97
C PHE D 103 3.55 11.97 -7.53
N GLY D 104 3.62 12.06 -8.85
CA GLY D 104 4.43 13.08 -9.52
C GLY D 104 3.91 14.48 -9.25
N GLY D 105 4.70 15.49 -9.59
CA GLY D 105 4.32 16.90 -9.38
C GLY D 105 3.16 17.40 -10.25
N GLY D 106 2.82 16.66 -11.29
CA GLY D 106 1.75 17.02 -12.21
C GLY D 106 2.24 17.79 -13.42
N THR D 107 1.55 17.64 -14.54
CA THR D 107 1.78 18.42 -15.76
C THR D 107 0.46 19.06 -16.17
N LYS D 108 0.40 20.39 -16.10
CA LYS D 108 -0.80 21.11 -16.46
C LYS D 108 -0.92 21.24 -17.96
N LEU D 109 -2.08 20.86 -18.48
CA LEU D 109 -2.41 21.00 -19.87
C LEU D 109 -3.41 22.15 -20.08
N ASP D 110 -2.92 23.17 -20.76
CA ASP D 110 -3.70 24.29 -21.21
C ASP D 110 -3.95 24.15 -22.70
N ILE D 111 -5.09 24.71 -23.15
CA ILE D 111 -5.46 24.70 -24.59
C ILE D 111 -5.31 26.05 -25.25
N LYS D 112 -4.69 26.04 -26.41
CA LYS D 112 -4.56 27.20 -27.24
C LYS D 112 -5.77 27.25 -28.09
N ARG D 113 -6.11 28.46 -28.50
CA ARG D 113 -7.23 28.66 -29.40
C ARG D 113 -7.02 30.00 -30.07
N ALA D 114 -8.03 30.44 -30.80
CA ALA D 114 -7.92 31.66 -31.56
C ALA D 114 -8.19 32.78 -30.58
N ASP D 115 -7.36 33.83 -30.66
CA ASP D 115 -7.56 35.01 -29.84
C ASP D 115 -9.01 35.47 -29.92
N ALA D 116 -9.49 36.02 -28.81
CA ALA D 116 -10.87 36.51 -28.70
C ALA D 116 -10.88 37.61 -27.66
N ALA D 117 -11.74 38.59 -27.87
CA ALA D 117 -11.71 39.81 -27.06
C ALA D 117 -12.78 39.65 -25.99
N PRO D 118 -12.57 40.25 -24.81
CA PRO D 118 -13.54 40.10 -23.75
C PRO D 118 -14.85 40.83 -24.02
N THR D 119 -15.94 40.25 -23.54
CA THR D 119 -17.20 40.96 -23.41
C THR D 119 -17.16 41.65 -22.07
N VAL D 120 -17.20 42.97 -22.08
CA VAL D 120 -17.10 43.74 -20.84
C VAL D 120 -18.48 44.24 -20.42
N SER D 121 -18.77 44.14 -19.12
CA SER D 121 -20.02 44.69 -18.58
C SER D 121 -19.63 45.34 -17.31
N ILE D 122 -20.29 46.43 -16.95
CA ILE D 122 -19.96 47.21 -15.74
C ILE D 122 -21.24 47.44 -14.94
N PHE D 123 -21.09 47.34 -13.63
CA PHE D 123 -22.23 47.34 -12.72
C PHE D 123 -22.03 48.34 -11.61
N PRO D 124 -22.99 49.25 -11.42
CA PRO D 124 -22.85 50.14 -10.28
C PRO D 124 -23.21 49.38 -9.02
N PRO D 125 -22.91 49.97 -7.86
CA PRO D 125 -23.28 49.37 -6.58
C PRO D 125 -24.78 49.16 -6.49
N SER D 126 -25.20 48.14 -5.79
CA SER D 126 -26.59 47.89 -5.55
C SER D 126 -27.09 48.84 -4.46
N SER D 127 -28.40 49.10 -4.50
CA SER D 127 -29.05 49.91 -3.47
C SER D 127 -28.78 49.32 -2.10
N GLU D 128 -28.98 48.01 -1.97
CA GLU D 128 -28.74 47.29 -0.70
C GLU D 128 -27.39 47.65 -0.05
N GLN D 129 -26.32 47.56 -0.83
CA GLN D 129 -24.97 47.77 -0.31
C GLN D 129 -24.79 49.18 0.19
N LEU D 130 -25.19 50.13 -0.62
CA LEU D 130 -25.16 51.56 -0.26
C LEU D 130 -26.04 51.91 0.96
N THR D 131 -26.84 50.95 1.38
CA THR D 131 -27.71 51.07 2.51
C THR D 131 -26.98 50.73 3.79
N SER D 132 -25.92 49.95 3.69
CA SER D 132 -25.08 49.64 4.81
C SER D 132 -23.64 50.13 4.60
N GLY D 133 -23.49 51.20 3.82
CA GLY D 133 -22.27 52.03 3.83
C GLY D 133 -21.04 51.45 3.12
N GLY D 134 -21.31 50.61 2.12
CA GLY D 134 -20.27 50.10 1.21
C GLY D 134 -20.68 50.37 -0.22
N ALA D 135 -19.68 50.46 -1.10
CA ALA D 135 -19.97 50.61 -2.51
C ALA D 135 -18.94 49.84 -3.29
N SER D 136 -19.39 48.74 -3.89
CA SER D 136 -18.53 47.93 -4.73
C SER D 136 -19.00 48.13 -6.15
N VAL D 137 -18.09 48.52 -7.03
CA VAL D 137 -18.39 48.66 -8.45
C VAL D 137 -17.78 47.44 -9.11
N VAL D 138 -18.52 46.76 -10.00
CA VAL D 138 -18.09 45.47 -10.55
C VAL D 138 -18.03 45.45 -12.05
N CYS D 139 -17.01 44.81 -12.59
CA CYS D 139 -16.77 44.84 -14.01
C CYS D 139 -16.34 43.44 -14.39
N PHE D 140 -17.09 42.80 -15.29
CA PHE D 140 -16.79 41.45 -15.74
C PHE D 140 -16.22 41.55 -17.14
N LEU D 141 -15.14 40.82 -17.33
CA LEU D 141 -14.47 40.71 -18.63
C LEU D 141 -14.54 39.26 -19.02
N ASN D 142 -15.50 38.92 -19.87
CA ASN D 142 -15.86 37.54 -20.09
C ASN D 142 -15.41 36.99 -21.42
N ASN D 143 -15.13 35.67 -21.42
CA ASN D 143 -14.85 34.85 -22.60
C ASN D 143 -13.79 35.40 -23.54
N PHE D 144 -12.61 35.63 -22.99
CA PHE D 144 -11.46 36.14 -23.74
C PHE D 144 -10.32 35.14 -23.76
N TYR D 145 -9.40 35.32 -24.70
CA TYR D 145 -8.22 34.45 -24.85
C TYR D 145 -7.18 35.26 -25.64
N PRO D 146 -5.90 35.29 -25.25
CA PRO D 146 -5.32 34.54 -24.15
C PRO D 146 -5.59 35.15 -22.78
N LYS D 147 -5.00 34.56 -21.74
CA LYS D 147 -5.31 34.89 -20.33
C LYS D 147 -4.83 36.28 -19.87
N ASP D 148 -3.81 36.78 -20.54
CA ASP D 148 -3.16 38.04 -20.26
C ASP D 148 -4.10 39.22 -20.58
N ILE D 149 -4.39 40.04 -19.58
CA ILE D 149 -5.28 41.16 -19.76
C ILE D 149 -5.07 42.20 -18.67
N ASN D 150 -5.14 43.46 -19.07
CA ASN D 150 -4.95 44.57 -18.16
C ASN D 150 -6.28 45.25 -17.96
N VAL D 151 -6.62 45.59 -16.73
CA VAL D 151 -7.87 46.30 -16.38
C VAL D 151 -7.51 47.54 -15.63
N ARG D 152 -8.16 48.64 -16.01
CA ARG D 152 -7.86 49.94 -15.42
C ARG D 152 -9.16 50.60 -15.05
N TRP D 153 -9.25 51.06 -13.83
CA TRP D 153 -10.41 51.80 -13.39
C TRP D 153 -10.14 53.30 -13.52
N LYS D 154 -11.14 54.07 -13.96
CA LYS D 154 -11.12 55.52 -13.89
C LYS D 154 -12.33 56.08 -13.15
N ILE D 155 -12.09 56.93 -12.15
CA ILE D 155 -13.14 57.72 -11.51
C ILE D 155 -13.07 59.18 -11.98
N ASP D 156 -14.11 59.66 -12.66
CA ASP D 156 -14.13 61.02 -13.21
C ASP D 156 -12.88 61.32 -14.05
N GLY D 157 -12.51 60.38 -14.90
CA GLY D 157 -11.34 60.51 -15.74
C GLY D 157 -10.01 60.14 -15.10
N SER D 158 -9.91 60.17 -13.77
CA SER D 158 -8.66 59.85 -13.09
C SER D 158 -8.52 58.36 -12.76
N GLU D 159 -7.43 57.78 -13.21
CA GLU D 159 -7.11 56.38 -12.98
C GLU D 159 -7.01 56.10 -11.48
N ARG D 160 -7.64 55.02 -11.05
CA ARG D 160 -7.72 54.63 -9.64
C ARG D 160 -7.14 53.26 -9.49
N GLN D 161 -6.29 53.09 -8.48
CA GLN D 161 -5.43 51.91 -8.42
C GLN D 161 -5.54 51.11 -7.13
N ASN D 162 -6.40 51.55 -6.22
CA ASN D 162 -6.64 50.78 -5.02
C ASN D 162 -8.09 50.65 -4.65
N GLY D 163 -8.37 49.73 -3.73
CA GLY D 163 -9.72 49.17 -3.55
C GLY D 163 -10.05 48.08 -4.59
N VAL D 164 -9.09 47.71 -5.42
CA VAL D 164 -9.34 46.85 -6.57
C VAL D 164 -8.90 45.41 -6.33
N LEU D 165 -9.87 44.51 -6.43
CA LEU D 165 -9.63 43.08 -6.32
C LEU D 165 -10.06 42.37 -7.62
N ASN D 166 -9.19 41.50 -8.11
CA ASN D 166 -9.38 40.83 -9.38
C ASN D 166 -9.32 39.34 -9.18
N SER D 167 -10.09 38.62 -9.99
CA SER D 167 -10.18 37.17 -9.93
C SER D 167 -10.44 36.51 -11.29
N TRP D 168 -9.62 35.51 -11.62
CA TRP D 168 -9.70 34.84 -12.91
C TRP D 168 -10.33 33.47 -12.75
N THR D 169 -11.25 33.10 -13.64
CA THR D 169 -11.70 31.72 -13.73
C THR D 169 -10.66 30.85 -14.38
N ASP D 170 -10.81 29.55 -14.14
CA ASP D 170 -10.07 28.55 -14.88
C ASP D 170 -10.57 28.61 -16.31
N GLN D 171 -9.74 28.13 -17.20
CA GLN D 171 -10.09 28.06 -18.59
C GLN D 171 -11.34 27.25 -18.79
N ASP D 172 -12.15 27.60 -19.79
CA ASP D 172 -13.41 26.93 -20.03
C ASP D 172 -13.19 25.70 -20.91
N SER D 173 -13.83 24.60 -20.54
CA SER D 173 -13.65 23.32 -21.19
C SER D 173 -14.46 23.15 -22.45
N LYS D 174 -15.37 24.08 -22.73
CA LYS D 174 -16.17 24.05 -23.96
C LYS D 174 -15.42 24.88 -25.01
N ASP D 175 -15.24 26.17 -24.71
CA ASP D 175 -14.73 27.13 -25.67
C ASP D 175 -13.27 27.57 -25.48
N SER D 176 -12.60 27.11 -24.42
CA SER D 176 -11.20 27.39 -24.20
C SER D 176 -10.89 28.84 -23.84
N THR D 177 -11.91 29.58 -23.42
CA THR D 177 -11.75 30.96 -23.03
C THR D 177 -11.62 31.15 -21.52
N TYR D 178 -11.19 32.35 -21.15
CA TYR D 178 -11.02 32.75 -19.77
C TYR D 178 -11.95 33.89 -19.53
N SER D 179 -12.31 34.04 -18.28
CA SER D 179 -13.08 35.20 -17.83
C SER D 179 -12.43 35.77 -16.59
N MET D 180 -12.69 37.05 -16.36
CA MET D 180 -12.12 37.75 -15.22
C MET D 180 -13.15 38.66 -14.63
N SER D 181 -13.05 38.86 -13.32
CA SER D 181 -13.89 39.78 -12.59
C SER D 181 -12.97 40.81 -12.03
N SER D 182 -13.46 42.04 -11.87
CA SER D 182 -12.71 43.13 -11.21
C SER D 182 -13.67 44.00 -10.39
N THR D 183 -13.32 44.22 -9.14
CA THR D 183 -14.25 44.78 -8.16
C THR D 183 -13.58 45.90 -7.40
N LEU D 184 -14.13 47.10 -7.54
CA LEU D 184 -13.54 48.29 -6.98
C LEU D 184 -14.43 48.66 -5.82
N THR D 185 -13.92 48.52 -4.60
CA THR D 185 -14.69 48.78 -3.41
C THR D 185 -14.25 50.09 -2.73
N LEU D 186 -15.21 51.00 -2.55
CA LEU D 186 -15.04 52.28 -1.85
C LEU D 186 -16.04 52.32 -0.71
N THR D 187 -15.91 53.34 0.14
CA THR D 187 -16.97 53.65 1.10
C THR D 187 -18.12 54.34 0.37
N LYS D 188 -19.29 54.37 0.98
CA LYS D 188 -20.42 55.08 0.35
C LYS D 188 -20.06 56.51 0.11
N ASP D 189 -19.53 57.15 1.15
CA ASP D 189 -19.20 58.56 1.10
C ASP D 189 -18.24 58.85 -0.04
N GLU D 190 -17.19 58.05 -0.12
CA GLU D 190 -16.16 58.22 -1.15
C GLU D 190 -16.77 58.03 -2.53
N TYR D 191 -17.67 57.04 -2.66
CA TYR D 191 -18.39 56.76 -3.92
C TYR D 191 -19.24 57.91 -4.34
N GLU D 192 -19.88 58.56 -3.38
CA GLU D 192 -20.83 59.64 -3.68
C GLU D 192 -20.21 60.98 -4.03
N ARG D 193 -18.90 61.11 -3.96
CA ARG D 193 -18.23 62.38 -4.26
C ARG D 193 -17.77 62.46 -5.72
N HIS D 194 -18.00 61.41 -6.50
CA HIS D 194 -17.62 61.38 -7.92
C HIS D 194 -18.79 60.86 -8.74
N ASN D 195 -18.85 61.18 -10.04
CA ASN D 195 -20.02 60.80 -10.84
C ASN D 195 -19.76 59.67 -11.83
N SER D 196 -18.71 59.76 -12.63
CA SER D 196 -18.44 58.76 -13.67
C SER D 196 -17.47 57.66 -13.21
N TYR D 197 -17.88 56.42 -13.45
CA TYR D 197 -17.10 55.24 -13.13
C TYR D 197 -16.91 54.44 -14.41
N THR D 198 -15.67 54.01 -14.60
CA THR D 198 -15.24 53.44 -15.87
C THR D 198 -14.27 52.30 -15.64
N CYS D 199 -14.46 51.18 -16.33
CA CYS D 199 -13.42 50.14 -16.38
C CYS D 199 -13.02 49.92 -17.83
N GLU D 200 -11.71 49.80 -18.03
CA GLU D 200 -11.12 49.68 -19.34
C GLU D 200 -10.27 48.42 -19.41
N ALA D 201 -10.49 47.63 -20.44
CA ALA D 201 -9.81 46.35 -20.63
C ALA D 201 -8.90 46.49 -21.84
N THR D 202 -7.61 46.25 -21.68
CA THR D 202 -6.67 46.32 -22.78
C THR D 202 -6.15 44.92 -23.02
N HIS D 203 -6.31 44.42 -24.24
CA HIS D 203 -6.04 43.02 -24.53
C HIS D 203 -5.31 42.88 -25.89
N LYS D 204 -4.51 41.82 -26.04
CA LYS D 204 -3.79 41.46 -27.29
C LYS D 204 -4.56 41.65 -28.61
N THR D 205 -5.88 41.40 -28.54
CA THR D 205 -6.76 41.52 -29.68
C THR D 205 -6.88 42.90 -30.29
N SER D 206 -6.61 43.97 -29.53
CA SER D 206 -6.79 45.32 -30.07
C SER D 206 -5.90 46.32 -29.37
N THR D 207 -5.39 47.28 -30.11
CA THR D 207 -4.61 48.37 -29.53
C THR D 207 -5.46 49.33 -28.74
N SER D 208 -6.80 49.34 -28.95
CA SER D 208 -7.60 50.24 -28.16
C SER D 208 -8.37 49.50 -27.09
N PRO D 209 -8.36 50.09 -25.88
CA PRO D 209 -9.05 49.42 -24.80
C PRO D 209 -10.54 49.36 -25.00
N ILE D 210 -11.17 48.37 -24.41
CA ILE D 210 -12.61 48.31 -24.42
C ILE D 210 -13.05 49.05 -23.17
N VAL D 211 -13.87 50.08 -23.36
CA VAL D 211 -14.36 50.93 -22.29
C VAL D 211 -15.84 50.72 -22.01
N LYS D 212 -16.16 50.53 -20.73
CA LYS D 212 -17.54 50.66 -20.25
C LYS D 212 -17.65 51.61 -19.08
N SER D 213 -18.72 52.38 -19.05
CA SER D 213 -18.95 53.45 -18.08
C SER D 213 -20.39 53.51 -17.63
N PHE D 214 -20.57 54.15 -16.48
CA PHE D 214 -21.88 54.62 -16.05
C PHE D 214 -21.64 55.83 -15.20
N ASN D 215 -22.73 56.56 -14.96
CA ASN D 215 -22.74 57.71 -14.04
C ASN D 215 -23.72 57.45 -12.91
N ARG D 216 -23.32 57.84 -11.70
CA ARG D 216 -24.18 57.74 -10.51
C ARG D 216 -25.59 58.34 -10.77
N ASN D 217 -25.62 59.50 -11.43
CA ASN D 217 -26.88 60.13 -11.87
C ASN D 217 -27.67 59.38 -12.97
N GLU D 218 -26.98 58.58 -13.80
CA GLU D 218 -27.58 57.88 -14.96
C GLU D 218 -28.63 56.81 -14.60
N LYS E 7 -2.21 -10.86 3.45
CA LYS E 7 -0.80 -10.34 3.67
C LYS E 7 -0.70 -8.81 3.82
N HIS E 8 -1.59 -8.09 3.14
CA HIS E 8 -1.54 -6.62 3.00
C HIS E 8 -0.12 -6.05 2.81
N VAL E 9 0.37 -6.26 1.63
CA VAL E 9 1.68 -5.80 1.24
C VAL E 9 1.67 -4.29 0.95
N PRO E 10 2.86 -3.67 0.95
CA PRO E 10 2.91 -2.27 0.71
C PRO E 10 3.00 -1.83 -0.75
N GLY E 11 2.74 -2.70 -1.74
CA GLY E 11 2.75 -2.30 -3.14
C GLY E 11 2.85 -3.43 -4.13
N GLY E 12 2.94 -3.06 -5.40
CA GLY E 12 2.95 -4.01 -6.51
C GLY E 12 4.17 -4.92 -6.57
N GLY E 13 5.27 -4.47 -5.99
CA GLY E 13 6.46 -5.29 -5.86
C GLY E 13 6.51 -6.08 -4.57
N SER E 14 5.34 -6.19 -3.91
CA SER E 14 5.05 -6.78 -2.60
C SER E 14 5.52 -5.93 -1.43
N VAL E 15 6.20 -6.56 -0.49
CA VAL E 15 6.74 -5.90 0.66
C VAL E 15 8.00 -5.18 0.26
N LYS F 7 26.37 8.70 20.33
CA LYS F 7 27.14 7.81 21.26
C LYS F 7 27.08 6.28 20.98
N HIS F 8 25.97 5.77 20.44
CA HIS F 8 25.71 4.33 20.38
C HIS F 8 25.73 3.64 21.77
N VAL F 9 24.53 3.68 22.35
CA VAL F 9 24.19 3.13 23.64
C VAL F 9 23.73 1.68 23.47
N PRO F 10 23.82 0.88 24.55
CA PRO F 10 23.51 -0.55 24.46
C PRO F 10 22.02 -0.91 24.30
N GLY F 11 21.12 0.05 24.43
CA GLY F 11 19.69 -0.20 24.26
C GLY F 11 18.88 0.98 24.75
N GLY F 12 17.59 0.73 25.00
CA GLY F 12 16.58 1.78 25.25
C GLY F 12 16.61 2.43 26.60
N GLY F 13 17.08 1.71 27.61
CA GLY F 13 17.21 2.22 28.97
C GLY F 13 18.07 3.46 29.19
N SER F 14 18.75 3.92 28.14
CA SER F 14 19.58 5.11 28.17
C SER F 14 19.12 6.05 27.04
N VAL F 15 17.84 6.38 26.91
CA VAL F 15 17.37 7.27 25.81
C VAL F 15 17.08 8.62 26.44
#